data_1TTZ
# 
_entry.id   1TTZ 
# 
_audit_conform.dict_name       mmcif_pdbx.dic 
_audit_conform.dict_version    5.398 
_audit_conform.dict_location   http://mmcif.pdb.org/dictionaries/ascii/mmcif_pdbx.dic 
# 
loop_
_database_2.database_id 
_database_2.database_code 
_database_2.pdbx_database_accession 
_database_2.pdbx_DOI 
PDB   1TTZ         pdb_00001ttz 10.2210/pdb1ttz/pdb 
RCSB  RCSB022899   ?            ?                   
WWPDB D_1000022899 ?            ?                   
# 
loop_
_pdbx_audit_revision_history.ordinal 
_pdbx_audit_revision_history.data_content_type 
_pdbx_audit_revision_history.major_revision 
_pdbx_audit_revision_history.minor_revision 
_pdbx_audit_revision_history.revision_date 
1 'Structure model' 1 0 2004-07-13 
2 'Structure model' 1 1 2008-04-30 
3 'Structure model' 1 2 2011-07-13 
4 'Structure model' 1 3 2018-04-04 
5 'Structure model' 1 4 2024-11-06 
# 
_pdbx_audit_revision_details.ordinal             1 
_pdbx_audit_revision_details.revision_ordinal    1 
_pdbx_audit_revision_details.data_content_type   'Structure model' 
_pdbx_audit_revision_details.provider            repository 
_pdbx_audit_revision_details.type                'Initial release' 
_pdbx_audit_revision_details.description         ? 
_pdbx_audit_revision_details.details             ? 
# 
loop_
_pdbx_audit_revision_group.ordinal 
_pdbx_audit_revision_group.revision_ordinal 
_pdbx_audit_revision_group.data_content_type 
_pdbx_audit_revision_group.group 
1 2 'Structure model' 'Version format compliance' 
2 3 'Structure model' 'Version format compliance' 
3 4 'Structure model' 'Data collection'           
4 5 'Structure model' 'Data collection'           
5 5 'Structure model' 'Database references'       
6 5 'Structure model' 'Derived calculations'      
7 5 'Structure model' 'Structure summary'         
# 
loop_
_pdbx_audit_revision_category.ordinal 
_pdbx_audit_revision_category.revision_ordinal 
_pdbx_audit_revision_category.data_content_type 
_pdbx_audit_revision_category.category 
1 4 'Structure model' diffrn_source             
2 5 'Structure model' chem_comp_atom            
3 5 'Structure model' chem_comp_bond            
4 5 'Structure model' database_2                
5 5 'Structure model' pdbx_entry_details        
6 5 'Structure model' pdbx_modification_feature 
7 5 'Structure model' struct_conn               
8 5 'Structure model' struct_ref_seq_dif        
# 
loop_
_pdbx_audit_revision_item.ordinal 
_pdbx_audit_revision_item.revision_ordinal 
_pdbx_audit_revision_item.data_content_type 
_pdbx_audit_revision_item.item 
1 4 'Structure model' '_diffrn_source.type'                 
2 5 'Structure model' '_database_2.pdbx_DOI'                
3 5 'Structure model' '_database_2.pdbx_database_accession' 
4 5 'Structure model' '_struct_conn.pdbx_leaving_atom_flag' 
5 5 'Structure model' '_struct_ref_seq_dif.details'         
# 
_pdbx_database_status.status_code                     REL 
_pdbx_database_status.entry_id                        1TTZ 
_pdbx_database_status.recvd_initial_deposition_date   2004-06-23 
_pdbx_database_status.deposit_site                    RCSB 
_pdbx_database_status.process_site                    RCSB 
_pdbx_database_status.status_code_sf                  REL 
_pdbx_database_status.status_code_mr                  ? 
_pdbx_database_status.SG_entry                        Y 
_pdbx_database_status.pdb_format_compatible           Y 
_pdbx_database_status.status_code_cs                  ? 
_pdbx_database_status.methods_development_category    ? 
_pdbx_database_status.status_code_nmr_data            ? 
# 
_pdbx_database_related.db_name        TargetDB 
_pdbx_database_related.db_id          XcR50 
_pdbx_database_related.details        . 
_pdbx_database_related.content_type   unspecified 
# 
loop_
_audit_author.name 
_audit_author.pdbx_ordinal 
'Kuzin, A.P.'                                     1  
'Vorobiev, S.M.'                                  2  
'Lee, I.'                                         3  
'Acton, T.B.'                                     4  
'Ho, C.K.'                                        5  
'Cooper, B.'                                      6  
'Ma, L.-C.'                                       7  
'Xiao, R.'                                        8  
'Montelione, G.'                                  9  
'Tong, L.'                                        10 
'Hunt, J.F.'                                      11 
'Northeast Structural Genomics Consortium (NESG)' 12 
# 
_citation.id                        primary 
_citation.title                     'X-ray structure of Northeast Structural Genomics target protein XcR50 from X. campestris' 
_citation.journal_abbrev            'To be Published' 
_citation.journal_volume            ? 
_citation.page_first                ? 
_citation.page_last                 ? 
_citation.year                      ? 
_citation.journal_id_ASTM           ? 
_citation.country                   ? 
_citation.journal_id_ISSN           ? 
_citation.journal_id_CSD            0353 
_citation.book_publisher            ? 
_citation.pdbx_database_id_PubMed   ? 
_citation.pdbx_database_id_DOI      ? 
# 
loop_
_citation_author.citation_id 
_citation_author.name 
_citation_author.ordinal 
_citation_author.identifier_ORCID 
primary 'Kuzin, A.P.'    1  ? 
primary 'Vorobiev, S.M.' 2  ? 
primary 'Lee, I.'        3  ? 
primary 'Edstrom, W.'    4  ? 
primary 'Acton, T.B.'    5  ? 
primary 'Ho, C.K.'       6  ? 
primary 'Cooper, B.'     7  ? 
primary 'Ma, L.-C.'      8  ? 
primary 'Xiao, R.'       9  ? 
primary 'Montelione, G.' 10 ? 
primary 'Tong, L.'       11 ? 
primary 'Hunt, J.F.'     12 ? 
# 
loop_
_entity.id 
_entity.type 
_entity.src_method 
_entity.pdbx_description 
_entity.formula_weight 
_entity.pdbx_number_of_molecules 
_entity.pdbx_ec 
_entity.pdbx_mutation 
_entity.pdbx_fragment 
_entity.details 
1 polymer man 'conserved hypothetical protein' 10015.910 1   ? ? ? ? 
2 water   nat water                            18.015    109 ? ? ? ? 
# 
_entity_poly.entity_id                      1 
_entity_poly.type                           'polypeptide(L)' 
_entity_poly.nstd_linkage                   no 
_entity_poly.nstd_monomer                   yes 
_entity_poly.pdbx_seq_one_letter_code       
;(MSE)ALTLYQRDDCHLCDQAVEALAQARAGAFFSVFIDDDAALESAYGLRVPVLRDP(MSE)GRELDWPFDAPRLRAWL
DAAPHALEHHHHHHH
;
_entity_poly.pdbx_seq_one_letter_code_can   
;MALTLYQRDDCHLCDQAVEALAQARAGAFFSVFIDDDAALESAYGLRVPVLRDPMGRELDWPFDAPRLRAWLDAAPHALE
HHHHHHH
;
_entity_poly.pdbx_strand_id                 A 
_entity_poly.pdbx_target_identifier         XcR50 
# 
_pdbx_entity_nonpoly.entity_id   2 
_pdbx_entity_nonpoly.name        water 
_pdbx_entity_nonpoly.comp_id     HOH 
# 
loop_
_entity_poly_seq.entity_id 
_entity_poly_seq.num 
_entity_poly_seq.mon_id 
_entity_poly_seq.hetero 
1 1  MSE n 
1 2  ALA n 
1 3  LEU n 
1 4  THR n 
1 5  LEU n 
1 6  TYR n 
1 7  GLN n 
1 8  ARG n 
1 9  ASP n 
1 10 ASP n 
1 11 CYS n 
1 12 HIS n 
1 13 LEU n 
1 14 CYS n 
1 15 ASP n 
1 16 GLN n 
1 17 ALA n 
1 18 VAL n 
1 19 GLU n 
1 20 ALA n 
1 21 LEU n 
1 22 ALA n 
1 23 GLN n 
1 24 ALA n 
1 25 ARG n 
1 26 ALA n 
1 27 GLY n 
1 28 ALA n 
1 29 PHE n 
1 30 PHE n 
1 31 SER n 
1 32 VAL n 
1 33 PHE n 
1 34 ILE n 
1 35 ASP n 
1 36 ASP n 
1 37 ASP n 
1 38 ALA n 
1 39 ALA n 
1 40 LEU n 
1 41 GLU n 
1 42 SER n 
1 43 ALA n 
1 44 TYR n 
1 45 GLY n 
1 46 LEU n 
1 47 ARG n 
1 48 VAL n 
1 49 PRO n 
1 50 VAL n 
1 51 LEU n 
1 52 ARG n 
1 53 ASP n 
1 54 PRO n 
1 55 MSE n 
1 56 GLY n 
1 57 ARG n 
1 58 GLU n 
1 59 LEU n 
1 60 ASP n 
1 61 TRP n 
1 62 PRO n 
1 63 PHE n 
1 64 ASP n 
1 65 ALA n 
1 66 PRO n 
1 67 ARG n 
1 68 LEU n 
1 69 ARG n 
1 70 ALA n 
1 71 TRP n 
1 72 LEU n 
1 73 ASP n 
1 74 ALA n 
1 75 ALA n 
1 76 PRO n 
1 77 HIS n 
1 78 ALA n 
1 79 LEU n 
1 80 GLU n 
1 81 HIS n 
1 82 HIS n 
1 83 HIS n 
1 84 HIS n 
1 85 HIS n 
1 86 HIS n 
1 87 HIS n 
# 
_entity_src_gen.entity_id                          1 
_entity_src_gen.pdbx_src_id                        1 
_entity_src_gen.pdbx_alt_source_flag               sample 
_entity_src_gen.pdbx_seq_type                      ? 
_entity_src_gen.pdbx_beg_seq_num                   ? 
_entity_src_gen.pdbx_end_seq_num                   ? 
_entity_src_gen.gene_src_common_name               ? 
_entity_src_gen.gene_src_genus                     Xanthomonas 
_entity_src_gen.pdbx_gene_src_gene                 ? 
_entity_src_gen.gene_src_species                   ? 
_entity_src_gen.gene_src_strain                    ATCC33913 
_entity_src_gen.gene_src_tissue                    ? 
_entity_src_gen.gene_src_tissue_fraction           ? 
_entity_src_gen.gene_src_details                   ? 
_entity_src_gen.pdbx_gene_src_fragment             ? 
_entity_src_gen.pdbx_gene_src_scientific_name      'Xanthomonas campestris' 
_entity_src_gen.pdbx_gene_src_ncbi_taxonomy_id     339 
_entity_src_gen.pdbx_gene_src_variant              ? 
_entity_src_gen.pdbx_gene_src_cell_line            ? 
_entity_src_gen.pdbx_gene_src_atcc                 ? 
_entity_src_gen.pdbx_gene_src_organ                ? 
_entity_src_gen.pdbx_gene_src_organelle            ? 
_entity_src_gen.pdbx_gene_src_cell                 ? 
_entity_src_gen.pdbx_gene_src_cellular_location    ? 
_entity_src_gen.host_org_common_name               ? 
_entity_src_gen.pdbx_host_org_scientific_name      'Escherichia coli BL21(DE3)' 
_entity_src_gen.pdbx_host_org_ncbi_taxonomy_id     469008 
_entity_src_gen.host_org_genus                     Escherichia 
_entity_src_gen.pdbx_host_org_gene                 ? 
_entity_src_gen.pdbx_host_org_organ                ? 
_entity_src_gen.host_org_species                   'Escherichia coli' 
_entity_src_gen.pdbx_host_org_tissue               ? 
_entity_src_gen.pdbx_host_org_tissue_fraction      ? 
_entity_src_gen.pdbx_host_org_strain               'BL21(DE3)' 
_entity_src_gen.pdbx_host_org_variant              ? 
_entity_src_gen.pdbx_host_org_cell_line            ? 
_entity_src_gen.pdbx_host_org_atcc                 ? 
_entity_src_gen.pdbx_host_org_culture_collection   ? 
_entity_src_gen.pdbx_host_org_cell                 ? 
_entity_src_gen.pdbx_host_org_organelle            ? 
_entity_src_gen.pdbx_host_org_cellular_location    ? 
_entity_src_gen.pdbx_host_org_vector_type          ? 
_entity_src_gen.pdbx_host_org_vector               ? 
_entity_src_gen.host_org_details                   ? 
_entity_src_gen.expression_system_id               ? 
_entity_src_gen.plasmid_name                       ? 
_entity_src_gen.plasmid_details                    ? 
_entity_src_gen.pdbx_description                   ? 
# 
loop_
_chem_comp.id 
_chem_comp.type 
_chem_comp.mon_nstd_flag 
_chem_comp.name 
_chem_comp.pdbx_synonyms 
_chem_comp.formula 
_chem_comp.formula_weight 
ALA 'L-peptide linking' y ALANINE          ? 'C3 H7 N O2'     89.093  
ARG 'L-peptide linking' y ARGININE         ? 'C6 H15 N4 O2 1' 175.209 
ASP 'L-peptide linking' y 'ASPARTIC ACID'  ? 'C4 H7 N O4'     133.103 
CYS 'L-peptide linking' y CYSTEINE         ? 'C3 H7 N O2 S'   121.158 
GLN 'L-peptide linking' y GLUTAMINE        ? 'C5 H10 N2 O3'   146.144 
GLU 'L-peptide linking' y 'GLUTAMIC ACID'  ? 'C5 H9 N O4'     147.129 
GLY 'peptide linking'   y GLYCINE          ? 'C2 H5 N O2'     75.067  
HIS 'L-peptide linking' y HISTIDINE        ? 'C6 H10 N3 O2 1' 156.162 
HOH non-polymer         . WATER            ? 'H2 O'           18.015  
ILE 'L-peptide linking' y ISOLEUCINE       ? 'C6 H13 N O2'    131.173 
LEU 'L-peptide linking' y LEUCINE          ? 'C6 H13 N O2'    131.173 
MET 'L-peptide linking' y METHIONINE       ? 'C5 H11 N O2 S'  149.211 
MSE 'L-peptide linking' n SELENOMETHIONINE ? 'C5 H11 N O2 Se' 196.106 
PHE 'L-peptide linking' y PHENYLALANINE    ? 'C9 H11 N O2'    165.189 
PRO 'L-peptide linking' y PROLINE          ? 'C5 H9 N O2'     115.130 
SER 'L-peptide linking' y SERINE           ? 'C3 H7 N O3'     105.093 
THR 'L-peptide linking' y THREONINE        ? 'C4 H9 N O3'     119.119 
TRP 'L-peptide linking' y TRYPTOPHAN       ? 'C11 H12 N2 O2'  204.225 
TYR 'L-peptide linking' y TYROSINE         ? 'C9 H11 N O3'    181.189 
VAL 'L-peptide linking' y VALINE           ? 'C5 H11 N O2'    117.146 
# 
loop_
_pdbx_poly_seq_scheme.asym_id 
_pdbx_poly_seq_scheme.entity_id 
_pdbx_poly_seq_scheme.seq_id 
_pdbx_poly_seq_scheme.mon_id 
_pdbx_poly_seq_scheme.ndb_seq_num 
_pdbx_poly_seq_scheme.pdb_seq_num 
_pdbx_poly_seq_scheme.auth_seq_num 
_pdbx_poly_seq_scheme.pdb_mon_id 
_pdbx_poly_seq_scheme.auth_mon_id 
_pdbx_poly_seq_scheme.pdb_strand_id 
_pdbx_poly_seq_scheme.pdb_ins_code 
_pdbx_poly_seq_scheme.hetero 
A 1 1  MSE 1  1  ?  ?   ?   A . n 
A 1 2  ALA 2  2  2  ALA ALA A . n 
A 1 3  LEU 3  3  3  LEU LEU A . n 
A 1 4  THR 4  4  4  THR THR A . n 
A 1 5  LEU 5  5  5  LEU LEU A . n 
A 1 6  TYR 6  6  6  TYR TYR A . n 
A 1 7  GLN 7  7  7  GLN GLN A . n 
A 1 8  ARG 8  8  8  ARG ARG A . n 
A 1 9  ASP 9  9  9  ASP ASP A . n 
A 1 10 ASP 10 10 10 ASP ASP A . n 
A 1 11 CYS 11 11 11 CYS CYS A . n 
A 1 12 HIS 12 12 12 HIS HIS A . n 
A 1 13 LEU 13 13 13 LEU LEU A . n 
A 1 14 CYS 14 14 14 CYS CYS A . n 
A 1 15 ASP 15 15 15 ASP ASP A . n 
A 1 16 GLN 16 16 16 GLN GLN A . n 
A 1 17 ALA 17 17 17 ALA ALA A . n 
A 1 18 VAL 18 18 18 VAL VAL A . n 
A 1 19 GLU 19 19 19 GLU GLU A . n 
A 1 20 ALA 20 20 20 ALA ALA A . n 
A 1 21 LEU 21 21 21 LEU LEU A . n 
A 1 22 ALA 22 22 22 ALA ALA A . n 
A 1 23 GLN 23 23 23 GLN GLN A . n 
A 1 24 ALA 24 24 24 ALA ALA A . n 
A 1 25 ARG 25 25 25 ARG ARG A . n 
A 1 26 ALA 26 26 26 ALA ALA A . n 
A 1 27 GLY 27 27 27 GLY GLY A . n 
A 1 28 ALA 28 28 28 ALA ALA A . n 
A 1 29 PHE 29 29 29 PHE PHE A . n 
A 1 30 PHE 30 30 30 PHE PHE A . n 
A 1 31 SER 31 31 31 SER SER A . n 
A 1 32 VAL 32 32 32 VAL VAL A . n 
A 1 33 PHE 33 33 33 PHE PHE A . n 
A 1 34 ILE 34 34 34 ILE ILE A . n 
A 1 35 ASP 35 35 35 ASP ASP A . n 
A 1 36 ASP 36 36 36 ASP ASP A . n 
A 1 37 ASP 37 37 37 ASP ASP A . n 
A 1 38 ALA 38 38 38 ALA ALA A . n 
A 1 39 ALA 39 39 39 ALA ALA A . n 
A 1 40 LEU 40 40 40 LEU LEU A . n 
A 1 41 GLU 41 41 41 GLU GLU A . n 
A 1 42 SER 42 42 42 SER SER A . n 
A 1 43 ALA 43 43 43 ALA ALA A . n 
A 1 44 TYR 44 44 44 TYR TYR A . n 
A 1 45 GLY 45 45 45 GLY GLY A . n 
A 1 46 LEU 46 46 46 LEU LEU A . n 
A 1 47 ARG 47 47 47 ARG ARG A . n 
A 1 48 VAL 48 48 48 VAL VAL A . n 
A 1 49 PRO 49 49 49 PRO PRO A . n 
A 1 50 VAL 50 50 50 VAL VAL A . n 
A 1 51 LEU 51 51 51 LEU LEU A . n 
A 1 52 ARG 52 52 52 ARG ARG A . n 
A 1 53 ASP 53 53 53 ASP ASP A . n 
A 1 54 PRO 54 54 54 PRO PRO A . n 
A 1 55 MSE 55 55 55 MSE MSE A . n 
A 1 56 GLY 56 56 56 GLY GLY A . n 
A 1 57 ARG 57 57 57 ARG ARG A . n 
A 1 58 GLU 58 58 58 GLU GLU A . n 
A 1 59 LEU 59 59 59 LEU LEU A . n 
A 1 60 ASP 60 60 60 ASP ASP A . n 
A 1 61 TRP 61 61 61 TRP TRP A . n 
A 1 62 PRO 62 62 62 PRO PRO A . n 
A 1 63 PHE 63 63 63 PHE PHE A . n 
A 1 64 ASP 64 64 64 ASP ASP A . n 
A 1 65 ALA 65 65 65 ALA ALA A . n 
A 1 66 PRO 66 66 66 PRO PRO A . n 
A 1 67 ARG 67 67 67 ARG ARG A . n 
A 1 68 LEU 68 68 68 LEU LEU A . n 
A 1 69 ARG 69 69 69 ARG ARG A . n 
A 1 70 ALA 70 70 70 ALA ALA A . n 
A 1 71 TRP 71 71 71 TRP TRP A . n 
A 1 72 LEU 72 72 72 LEU LEU A . n 
A 1 73 ASP 73 73 73 ASP ASP A . n 
A 1 74 ALA 74 74 74 ALA ALA A . n 
A 1 75 ALA 75 75 75 ALA ALA A . n 
A 1 76 PRO 76 76 76 PRO PRO A . n 
A 1 77 HIS 77 77 ?  ?   ?   A . n 
A 1 78 ALA 78 78 ?  ?   ?   A . n 
A 1 79 LEU 79 79 ?  ?   ?   A . n 
A 1 80 GLU 80 80 ?  ?   ?   A . n 
A 1 81 HIS 81 81 ?  ?   ?   A . n 
A 1 82 HIS 82 82 ?  ?   ?   A . n 
A 1 83 HIS 83 83 ?  ?   ?   A . n 
A 1 84 HIS 84 84 ?  ?   ?   A . n 
A 1 85 HIS 85 85 ?  ?   ?   A . n 
A 1 86 HIS 86 86 ?  ?   ?   A . n 
A 1 87 HIS 87 87 ?  ?   ?   A . n 
# 
loop_
_pdbx_nonpoly_scheme.asym_id 
_pdbx_nonpoly_scheme.entity_id 
_pdbx_nonpoly_scheme.mon_id 
_pdbx_nonpoly_scheme.ndb_seq_num 
_pdbx_nonpoly_scheme.pdb_seq_num 
_pdbx_nonpoly_scheme.auth_seq_num 
_pdbx_nonpoly_scheme.pdb_mon_id 
_pdbx_nonpoly_scheme.auth_mon_id 
_pdbx_nonpoly_scheme.pdb_strand_id 
_pdbx_nonpoly_scheme.pdb_ins_code 
B 2 HOH 1   101 101 HOH HOH A . 
B 2 HOH 2   102 102 HOH HOH A . 
B 2 HOH 3   103 103 HOH HOH A . 
B 2 HOH 4   104 104 HOH HOH A . 
B 2 HOH 5   105 105 HOH HOH A . 
B 2 HOH 6   106 106 HOH HOH A . 
B 2 HOH 7   107 107 HOH HOH A . 
B 2 HOH 8   108 108 HOH HOH A . 
B 2 HOH 9   109 109 HOH HOH A . 
B 2 HOH 10  110 110 HOH HOH A . 
B 2 HOH 11  111 111 HOH HOH A . 
B 2 HOH 12  112 112 HOH HOH A . 
B 2 HOH 13  113 113 HOH HOH A . 
B 2 HOH 14  114 114 HOH HOH A . 
B 2 HOH 15  115 115 HOH HOH A . 
B 2 HOH 16  116 116 HOH HOH A . 
B 2 HOH 17  117 117 HOH HOH A . 
B 2 HOH 18  118 118 HOH HOH A . 
B 2 HOH 19  119 119 HOH HOH A . 
B 2 HOH 20  120 120 HOH HOH A . 
B 2 HOH 21  121 121 HOH HOH A . 
B 2 HOH 22  122 122 HOH HOH A . 
B 2 HOH 23  123 123 HOH HOH A . 
B 2 HOH 24  124 124 HOH HOH A . 
B 2 HOH 25  125 125 HOH HOH A . 
B 2 HOH 26  126 126 HOH HOH A . 
B 2 HOH 27  127 127 HOH HOH A . 
B 2 HOH 28  128 128 HOH HOH A . 
B 2 HOH 29  129 129 HOH HOH A . 
B 2 HOH 30  130 130 HOH HOH A . 
B 2 HOH 31  131 131 HOH HOH A . 
B 2 HOH 32  132 132 HOH HOH A . 
B 2 HOH 33  133 133 HOH HOH A . 
B 2 HOH 34  135 135 HOH HOH A . 
B 2 HOH 35  136 136 HOH HOH A . 
B 2 HOH 36  137 137 HOH HOH A . 
B 2 HOH 37  138 138 HOH HOH A . 
B 2 HOH 38  139 139 HOH HOH A . 
B 2 HOH 39  140 140 HOH HOH A . 
B 2 HOH 40  141 141 HOH HOH A . 
B 2 HOH 41  142 142 HOH HOH A . 
B 2 HOH 42  143 143 HOH HOH A . 
B 2 HOH 43  144 144 HOH HOH A . 
B 2 HOH 44  145 145 HOH HOH A . 
B 2 HOH 45  146 146 HOH HOH A . 
B 2 HOH 46  147 147 HOH HOH A . 
B 2 HOH 47  148 148 HOH HOH A . 
B 2 HOH 48  149 149 HOH HOH A . 
B 2 HOH 49  150 150 HOH HOH A . 
B 2 HOH 50  151 151 HOH HOH A . 
B 2 HOH 51  152 152 HOH HOH A . 
B 2 HOH 52  153 153 HOH HOH A . 
B 2 HOH 53  154 154 HOH HOH A . 
B 2 HOH 54  155 155 HOH HOH A . 
B 2 HOH 55  156 156 HOH HOH A . 
B 2 HOH 56  157 157 HOH HOH A . 
B 2 HOH 57  158 158 HOH HOH A . 
B 2 HOH 58  159 159 HOH HOH A . 
B 2 HOH 59  160 160 HOH HOH A . 
B 2 HOH 60  161 161 HOH HOH A . 
B 2 HOH 61  162 162 HOH HOH A . 
B 2 HOH 62  163 163 HOH HOH A . 
B 2 HOH 63  164 164 HOH HOH A . 
B 2 HOH 64  165 165 HOH HOH A . 
B 2 HOH 65  166 166 HOH HOH A . 
B 2 HOH 66  167 167 HOH HOH A . 
B 2 HOH 67  168 168 HOH HOH A . 
B 2 HOH 68  169 169 HOH HOH A . 
B 2 HOH 69  170 170 HOH HOH A . 
B 2 HOH 70  171 171 HOH HOH A . 
B 2 HOH 71  172 172 HOH HOH A . 
B 2 HOH 72  173 173 HOH HOH A . 
B 2 HOH 73  174 174 HOH HOH A . 
B 2 HOH 74  175 175 HOH HOH A . 
B 2 HOH 75  176 176 HOH HOH A . 
B 2 HOH 76  177 177 HOH HOH A . 
B 2 HOH 77  178 178 HOH HOH A . 
B 2 HOH 78  179 179 HOH HOH A . 
B 2 HOH 79  180 180 HOH HOH A . 
B 2 HOH 80  181 181 HOH HOH A . 
B 2 HOH 81  182 182 HOH HOH A . 
B 2 HOH 82  183 183 HOH HOH A . 
B 2 HOH 83  184 184 HOH HOH A . 
B 2 HOH 84  186 186 HOH HOH A . 
B 2 HOH 85  187 187 HOH HOH A . 
B 2 HOH 86  188 188 HOH HOH A . 
B 2 HOH 87  189 189 HOH HOH A . 
B 2 HOH 88  191 191 HOH HOH A . 
B 2 HOH 89  192 192 HOH HOH A . 
B 2 HOH 90  193 193 HOH HOH A . 
B 2 HOH 91  194 194 HOH HOH A . 
B 2 HOH 92  195 195 HOH HOH A . 
B 2 HOH 93  196 196 HOH HOH A . 
B 2 HOH 94  197 197 HOH HOH A . 
B 2 HOH 95  198 198 HOH HOH A . 
B 2 HOH 96  199 199 HOH HOH A . 
B 2 HOH 97  202 202 HOH HOH A . 
B 2 HOH 98  203 203 HOH HOH A . 
B 2 HOH 99  204 204 HOH HOH A . 
B 2 HOH 100 205 205 HOH HOH A . 
B 2 HOH 101 207 207 HOH HOH A . 
B 2 HOH 102 208 208 HOH HOH A . 
B 2 HOH 103 209 209 HOH HOH A . 
B 2 HOH 104 210 210 HOH HOH A . 
B 2 HOH 105 211 211 HOH HOH A . 
B 2 HOH 106 212 212 HOH HOH A . 
B 2 HOH 107 213 213 HOH HOH A . 
B 2 HOH 108 214 214 HOH HOH A . 
B 2 HOH 109 215 215 HOH HOH A . 
# 
loop_
_software.name 
_software.classification 
_software.version 
_software.citation_id 
_software.pdbx_ordinal 
CNS       refinement       1.1 ? 1 
DENZO     'data reduction' .   ? 2 
SCALEPACK 'data scaling'   .   ? 3 
SOLVE     phasing          .   ? 4 
# 
_cell.entry_id           1TTZ 
_cell.length_a           61.690 
_cell.length_b           61.690 
_cell.length_c           39.043 
_cell.angle_alpha        90.00 
_cell.angle_beta         90.00 
_cell.angle_gamma        120.00 
_cell.Z_PDB              6 
_cell.pdbx_unique_axis   ? 
_cell.length_a_esd       ? 
_cell.length_b_esd       ? 
_cell.length_c_esd       ? 
_cell.angle_alpha_esd    ? 
_cell.angle_beta_esd     ? 
_cell.angle_gamma_esd    ? 
# 
_symmetry.entry_id                         1TTZ 
_symmetry.space_group_name_H-M             'P 65' 
_symmetry.pdbx_full_space_group_name_H-M   ? 
_symmetry.cell_setting                     ? 
_symmetry.Int_Tables_number                170 
_symmetry.space_group_name_Hall            ? 
# 
_exptl.entry_id          1TTZ 
_exptl.method            'X-RAY DIFFRACTION' 
_exptl.crystals_number   2 
# 
_exptl_crystal.id                    1 
_exptl_crystal.density_meas          ? 
_exptl_crystal.density_Matthews      2.18 
_exptl_crystal.density_percent_sol   43.6 
_exptl_crystal.description           ? 
_exptl_crystal.F_000                 ? 
_exptl_crystal.preparation           ? 
# 
_exptl_crystal_grow.crystal_id      1 
_exptl_crystal_grow.method          'VAPOR DIFFUSION, HANGING DROP' 
_exptl_crystal_grow.temp            293 
_exptl_crystal_grow.temp_details    ? 
_exptl_crystal_grow.pH              6.5 
_exptl_crystal_grow.pdbx_details    
'0.1M Hepes, 0.1M NaCl, 1.6M (NH4)2SO4, pH 6.5, VAPOR DIFFUSION, HANGING DROP, temperature 293K' 
_exptl_crystal_grow.pdbx_pH_range   . 
# 
loop_
_diffrn.id 
_diffrn.ambient_temp 
_diffrn.ambient_temp_details 
_diffrn.crystal_id 
1 100 ? 1 
2 100 ? 1 
# 
loop_
_diffrn_detector.diffrn_id 
_diffrn_detector.detector 
_diffrn_detector.type 
_diffrn_detector.pdbx_collection_date 
_diffrn_detector.details 
1 CCD           'ADSC QUANTUM 4'  2004-06-07 ? 
2 'IMAGE PLATE' 'RIGAKU RAXIS IV' 2004-05-17 ? 
# 
_diffrn_radiation.diffrn_id                        1 
_diffrn_radiation.wavelength_id                    1 
_diffrn_radiation.pdbx_monochromatic_or_laue_m_l   M 
_diffrn_radiation.monochromator                    ? 
_diffrn_radiation.pdbx_diffrn_protocol             'SINGLE WAVELENGTH' 
_diffrn_radiation.pdbx_scattering_type             x-ray 
# 
loop_
_diffrn_radiation_wavelength.id 
_diffrn_radiation_wavelength.wavelength 
_diffrn_radiation_wavelength.wt 
1 0.97896 1.0 
2 1.5418  1.0 
# 
loop_
_diffrn_source.diffrn_id 
_diffrn_source.source 
_diffrn_source.type 
_diffrn_source.pdbx_synchrotron_site 
_diffrn_source.pdbx_synchrotron_beamline 
_diffrn_source.pdbx_wavelength 
_diffrn_source.pdbx_wavelength_list 
1 SYNCHROTRON      'NSLS BEAMLINE X4A' NSLS X4A ? 0.97896 
2 'ROTATING ANODE' OTHER               ?    ?   ? 1.5418  
# 
_reflns.entry_id                     1TTZ 
_reflns.observed_criterion_sigma_I   -3.0 
_reflns.observed_criterion_sigma_F   ? 
_reflns.d_resolution_low             50 
_reflns.d_resolution_high            1.8 
_reflns.number_obs                   12147 
_reflns.number_all                   37717 
_reflns.percent_possible_obs         79.8 
_reflns.pdbx_Rmerge_I_obs            ? 
_reflns.pdbx_Rsym_value              0.045 
_reflns.pdbx_netI_over_sigmaI        23.98 
_reflns.B_iso_Wilson_estimate        14.4 
_reflns.pdbx_redundancy              3.1 
_reflns.R_free_details               ? 
_reflns.limit_h_max                  ? 
_reflns.limit_h_min                  ? 
_reflns.limit_k_max                  ? 
_reflns.limit_k_min                  ? 
_reflns.limit_l_max                  ? 
_reflns.limit_l_min                  ? 
_reflns.observed_criterion_F_max     ? 
_reflns.observed_criterion_F_min     ? 
_reflns.pdbx_chi_squared             ? 
_reflns.pdbx_scaling_rejects         ? 
_reflns.pdbx_diffrn_id               1 
_reflns.pdbx_ordinal                 1 
# 
_reflns_shell.d_res_high             1.80 
_reflns_shell.d_res_low              1.86 
_reflns_shell.percent_possible_all   31.6 
_reflns_shell.Rmerge_I_obs           ? 
_reflns_shell.pdbx_Rsym_value        0.211 
_reflns_shell.meanI_over_sigI_obs    3.3 
_reflns_shell.pdbx_redundancy        ? 
_reflns_shell.percent_possible_obs   ? 
_reflns_shell.number_unique_all      12147 
_reflns_shell.number_measured_all    ? 
_reflns_shell.number_measured_obs    ? 
_reflns_shell.number_unique_obs      ? 
_reflns_shell.pdbx_chi_squared       ? 
_reflns_shell.pdbx_diffrn_id         ? 
_reflns_shell.pdbx_ordinal           1 
# 
_refine.entry_id                                 1TTZ 
_refine.ls_number_reflns_obs                     8998 
_refine.ls_number_reflns_all                     9688 
_refine.pdbx_ls_sigma_I                          ? 
_refine.pdbx_ls_sigma_F                          1.0 
_refine.pdbx_data_cutoff_high_absF               202406.73 
_refine.pdbx_data_cutoff_low_absF                0.000000 
_refine.pdbx_data_cutoff_high_rms_absF           ? 
_refine.ls_d_res_low                             26.71 
_refine.ls_d_res_high                            2.11 
_refine.ls_percent_reflns_obs                    92.9 
_refine.ls_R_factor_obs                          0.191 
_refine.ls_R_factor_all                          ? 
_refine.ls_R_factor_R_work                       0.189 
_refine.ls_R_factor_R_free                       0.212 
_refine.ls_R_factor_R_free_error                 0.010 
_refine.ls_R_factor_R_free_error_details         ? 
_refine.ls_percent_reflns_R_free                 5.3 
_refine.ls_number_reflns_R_free                  482 
_refine.ls_number_parameters                     ? 
_refine.ls_number_restraints                     ? 
_refine.occupancy_min                            ? 
_refine.occupancy_max                            ? 
_refine.correlation_coeff_Fo_to_Fc               ? 
_refine.correlation_coeff_Fo_to_Fc_free          ? 
_refine.B_iso_mean                               15.2 
_refine.aniso_B[1][1]                            0.473 
_refine.aniso_B[2][2]                            0.473 
_refine.aniso_B[3][3]                            -0.947 
_refine.aniso_B[1][2]                            -1.146 
_refine.aniso_B[1][3]                            0.00 
_refine.aniso_B[2][3]                            0.00 
_refine.solvent_model_details                    'FLAT MODEL' 
_refine.solvent_model_param_ksol                 0.352024 
_refine.solvent_model_param_bsol                 48.3394 
_refine.pdbx_solvent_vdw_probe_radii             ? 
_refine.pdbx_solvent_ion_probe_radii             ? 
_refine.pdbx_solvent_shrinkage_radii             ? 
_refine.pdbx_ls_cross_valid_method               THROUGHOUT 
_refine.details                                  ? 
_refine.pdbx_starting_model                      ? 
_refine.pdbx_method_to_determine_struct          MIRAS 
_refine.pdbx_isotropic_thermal_model             RESTRAINED 
_refine.pdbx_stereochemistry_target_values       'Engh & Huber' 
_refine.pdbx_stereochem_target_val_spec_case     ? 
_refine.pdbx_R_Free_selection_details            RANDOM 
_refine.pdbx_overall_ESU_R                       ? 
_refine.pdbx_overall_ESU_R_Free                  ? 
_refine.overall_SU_ML                            ? 
_refine.overall_SU_B                             ? 
_refine.ls_redundancy_reflns_obs                 ? 
_refine.B_iso_min                                ? 
_refine.B_iso_max                                ? 
_refine.overall_SU_R_Cruickshank_DPI             ? 
_refine.overall_SU_R_free                        ? 
_refine.ls_wR_factor_R_free                      ? 
_refine.ls_wR_factor_R_work                      ? 
_refine.overall_FOM_free_R_set                   ? 
_refine.overall_FOM_work_R_set                   ? 
_refine.pdbx_refine_id                           'X-RAY DIFFRACTION' 
_refine.pdbx_diffrn_id                           1 
_refine.pdbx_TLS_residual_ADP_flag               ? 
_refine.pdbx_overall_phase_error                 ? 
_refine.pdbx_overall_SU_R_free_Cruickshank_DPI   ? 
_refine.pdbx_overall_SU_R_Blow_DPI               ? 
_refine.pdbx_overall_SU_R_free_Blow_DPI          ? 
# 
_refine_analyze.entry_id                        1TTZ 
_refine_analyze.Luzzati_coordinate_error_obs    0.22 
_refine_analyze.Luzzati_sigma_a_obs             0.17 
_refine_analyze.Luzzati_d_res_low_obs           5.00 
_refine_analyze.Luzzati_coordinate_error_free   0.28 
_refine_analyze.Luzzati_sigma_a_free            0.12 
_refine_analyze.Luzzati_d_res_low_free          ? 
_refine_analyze.number_disordered_residues      ? 
_refine_analyze.occupancy_sum_hydrogen          ? 
_refine_analyze.occupancy_sum_non_hydrogen      ? 
_refine_analyze.pdbx_Luzzati_d_res_high_obs     ? 
_refine_analyze.pdbx_refine_id                  'X-RAY DIFFRACTION' 
# 
_refine_hist.pdbx_refine_id                   'X-RAY DIFFRACTION' 
_refine_hist.cycle_id                         LAST 
_refine_hist.pdbx_number_atoms_protein        589 
_refine_hist.pdbx_number_atoms_nucleic_acid   0 
_refine_hist.pdbx_number_atoms_ligand         0 
_refine_hist.number_atoms_solvent             109 
_refine_hist.number_atoms_total               698 
_refine_hist.d_res_high                       2.11 
_refine_hist.d_res_low                        26.71 
# 
loop_
_refine_ls_restr.type 
_refine_ls_restr.dev_ideal 
_refine_ls_restr.dev_ideal_target 
_refine_ls_restr.weight 
_refine_ls_restr.number 
_refine_ls_restr.pdbx_refine_id 
_refine_ls_restr.pdbx_restraint_function 
c_bond_d           0.006 ?   ? ? 'X-RAY DIFFRACTION' ? 
c_angle_deg        1.3   ?   ? ? 'X-RAY DIFFRACTION' ? 
c_dihedral_angle_d 22.6  ?   ? ? 'X-RAY DIFFRACTION' ? 
c_improper_angle_d 0.82  ?   ? ? 'X-RAY DIFFRACTION' ? 
c_mcbond_it        1.541 1.5 ? ? 'X-RAY DIFFRACTION' ? 
c_mcangle_it       2.482 2.0 ? ? 'X-RAY DIFFRACTION' ? 
c_scbond_it        2.307 2.0 ? ? 'X-RAY DIFFRACTION' ? 
c_scangle_it       3.167 2.5 ? ? 'X-RAY DIFFRACTION' ? 
# 
_refine_ls_shell.pdbx_total_number_of_bins_used   6 
_refine_ls_shell.d_res_high                       2.10 
_refine_ls_shell.d_res_low                        2.23 
_refine_ls_shell.number_reflns_R_work             1155 
_refine_ls_shell.R_factor_R_work                  0.206 
_refine_ls_shell.percent_reflns_obs               78.1 
_refine_ls_shell.R_factor_R_free                  0.221 
_refine_ls_shell.R_factor_R_free_error            0.023 
_refine_ls_shell.percent_reflns_R_free            7.5 
_refine_ls_shell.number_reflns_R_free             93 
_refine_ls_shell.number_reflns_obs                ? 
_refine_ls_shell.redundancy_reflns_obs            ? 
_refine_ls_shell.number_reflns_all                ? 
_refine_ls_shell.R_factor_all                     ? 
_refine_ls_shell.pdbx_refine_id                   'X-RAY DIFFRACTION' 
# 
loop_
_pdbx_xplor_file.serial_no 
_pdbx_xplor_file.param_file 
_pdbx_xplor_file.topol_file 
_pdbx_xplor_file.pdbx_refine_id 
1 PROTEIN_REP.PARAM PROTEIN.TOP 'X-RAY DIFFRACTION' 
2 DNA-RNA_REP.PARAM DNA-RNA.TOP 'X-RAY DIFFRACTION' 
3 WATER_REP.PARAM   WATER.TOP   'X-RAY DIFFRACTION' 
4 ION.PARAM         ION.TOP     'X-RAY DIFFRACTION' 
# 
_struct.entry_id                  1TTZ 
_struct.title                     'X-ray structure of Northeast Structural Genomics target protein XcR50 from X. campestris' 
_struct.pdbx_model_details        ? 
_struct.pdbx_CASP_flag            ? 
_struct.pdbx_model_type_details   ? 
# 
_struct_keywords.entry_id        1TTZ 
_struct_keywords.pdbx_keywords   'STRUCTURAL GENOMICS, UNKNOWN FUNCTION' 
_struct_keywords.text            
'STRUCTURAL GENOMICS, UNKNOWN FUNCTION, PSI, Protein Structure Initiative, Northeast Structural Genomics Consortium, NESG' 
# 
loop_
_struct_asym.id 
_struct_asym.pdbx_blank_PDB_chainid_flag 
_struct_asym.pdbx_modified 
_struct_asym.entity_id 
_struct_asym.details 
A N N 1 ? 
B N N 2 ? 
# 
_struct_ref.id                         1 
_struct_ref.db_name                    UNP 
_struct_ref.db_code                    Q8P6W3_XANCP 
_struct_ref.pdbx_db_accession          Q8P6W3 
_struct_ref.entity_id                  1 
_struct_ref.pdbx_seq_one_letter_code   MALTLYQRDDCHLCDQAVEALAQARAGAFFSVFIDDDAALESAYGLRVPVLRDPMGRELDWPFDAPRLRAWLDAAPHA 
_struct_ref.pdbx_align_begin           1 
_struct_ref.pdbx_db_isoform            ? 
# 
_struct_ref_seq.align_id                      1 
_struct_ref_seq.ref_id                        1 
_struct_ref_seq.pdbx_PDB_id_code              1TTZ 
_struct_ref_seq.pdbx_strand_id                A 
_struct_ref_seq.seq_align_beg                 1 
_struct_ref_seq.pdbx_seq_align_beg_ins_code   ? 
_struct_ref_seq.seq_align_end                 78 
_struct_ref_seq.pdbx_seq_align_end_ins_code   ? 
_struct_ref_seq.pdbx_db_accession             Q8P6W3 
_struct_ref_seq.db_align_beg                  1 
_struct_ref_seq.pdbx_db_align_beg_ins_code    ? 
_struct_ref_seq.db_align_end                  78 
_struct_ref_seq.pdbx_db_align_end_ins_code    ? 
_struct_ref_seq.pdbx_auth_seq_align_beg       1 
_struct_ref_seq.pdbx_auth_seq_align_end       78 
# 
loop_
_struct_ref_seq_dif.align_id 
_struct_ref_seq_dif.pdbx_pdb_id_code 
_struct_ref_seq_dif.mon_id 
_struct_ref_seq_dif.pdbx_pdb_strand_id 
_struct_ref_seq_dif.seq_num 
_struct_ref_seq_dif.pdbx_pdb_ins_code 
_struct_ref_seq_dif.pdbx_seq_db_name 
_struct_ref_seq_dif.pdbx_seq_db_accession_code 
_struct_ref_seq_dif.db_mon_id 
_struct_ref_seq_dif.pdbx_seq_db_seq_num 
_struct_ref_seq_dif.details 
_struct_ref_seq_dif.pdbx_auth_seq_num 
_struct_ref_seq_dif.pdbx_ordinal 
1 1TTZ MSE A 1  ? UNP Q8P6W3 MET 1  'modified residue' 1  1  
1 1TTZ MSE A 55 ? UNP Q8P6W3 MET 55 'modified residue' 55 2  
1 1TTZ LEU A 79 ? UNP Q8P6W3 ?   ?  'cloning artifact' 79 3  
1 1TTZ GLU A 80 ? UNP Q8P6W3 ?   ?  'cloning artifact' 80 4  
1 1TTZ HIS A 81 ? UNP Q8P6W3 ?   ?  'expression tag'   81 5  
1 1TTZ HIS A 82 ? UNP Q8P6W3 ?   ?  'expression tag'   82 6  
1 1TTZ HIS A 83 ? UNP Q8P6W3 ?   ?  'expression tag'   83 7  
1 1TTZ HIS A 84 ? UNP Q8P6W3 ?   ?  'expression tag'   84 8  
1 1TTZ HIS A 85 ? UNP Q8P6W3 ?   ?  'expression tag'   85 9  
1 1TTZ HIS A 86 ? UNP Q8P6W3 ?   ?  'expression tag'   86 10 
1 1TTZ HIS A 87 ? UNP Q8P6W3 ?   ?  'expression tag'   87 11 
# 
_pdbx_struct_assembly.id                   1 
_pdbx_struct_assembly.details              author_defined_assembly 
_pdbx_struct_assembly.method_details       ? 
_pdbx_struct_assembly.oligomeric_details   monomeric 
_pdbx_struct_assembly.oligomeric_count     1 
# 
_pdbx_struct_assembly_gen.assembly_id       1 
_pdbx_struct_assembly_gen.oper_expression   1 
_pdbx_struct_assembly_gen.asym_id_list      A,B 
# 
_pdbx_struct_oper_list.id                   1 
_pdbx_struct_oper_list.type                 'identity operation' 
_pdbx_struct_oper_list.name                 1_555 
_pdbx_struct_oper_list.symmetry_operation   x,y,z 
_pdbx_struct_oper_list.matrix[1][1]         1.0000000000 
_pdbx_struct_oper_list.matrix[1][2]         0.0000000000 
_pdbx_struct_oper_list.matrix[1][3]         0.0000000000 
_pdbx_struct_oper_list.vector[1]            0.0000000000 
_pdbx_struct_oper_list.matrix[2][1]         0.0000000000 
_pdbx_struct_oper_list.matrix[2][2]         1.0000000000 
_pdbx_struct_oper_list.matrix[2][3]         0.0000000000 
_pdbx_struct_oper_list.vector[2]            0.0000000000 
_pdbx_struct_oper_list.matrix[3][1]         0.0000000000 
_pdbx_struct_oper_list.matrix[3][2]         0.0000000000 
_pdbx_struct_oper_list.matrix[3][3]         1.0000000000 
_pdbx_struct_oper_list.vector[3]            0.0000000000 
# 
loop_
_struct_conf.conf_type_id 
_struct_conf.id 
_struct_conf.pdbx_PDB_helix_id 
_struct_conf.beg_label_comp_id 
_struct_conf.beg_label_asym_id 
_struct_conf.beg_label_seq_id 
_struct_conf.pdbx_beg_PDB_ins_code 
_struct_conf.end_label_comp_id 
_struct_conf.end_label_asym_id 
_struct_conf.end_label_seq_id 
_struct_conf.pdbx_end_PDB_ins_code 
_struct_conf.beg_auth_comp_id 
_struct_conf.beg_auth_asym_id 
_struct_conf.beg_auth_seq_id 
_struct_conf.end_auth_comp_id 
_struct_conf.end_auth_asym_id 
_struct_conf.end_auth_seq_id 
_struct_conf.pdbx_PDB_helix_class 
_struct_conf.details 
_struct_conf.pdbx_PDB_helix_length 
HELX_P HELX_P1 1 CYS A 11 ? ALA A 24 ? CYS A 11 ALA A 24 1 ? 14 
HELX_P HELX_P2 2 ASP A 37 ? GLY A 45 ? ASP A 37 GLY A 45 1 ? 9  
HELX_P HELX_P3 3 ASP A 64 ? ALA A 74 ? ASP A 64 ALA A 74 1 ? 11 
# 
_struct_conf_type.id          HELX_P 
_struct_conf_type.criteria    ? 
_struct_conf_type.reference   ? 
# 
loop_
_struct_conn.id 
_struct_conn.conn_type_id 
_struct_conn.pdbx_leaving_atom_flag 
_struct_conn.pdbx_PDB_id 
_struct_conn.ptnr1_label_asym_id 
_struct_conn.ptnr1_label_comp_id 
_struct_conn.ptnr1_label_seq_id 
_struct_conn.ptnr1_label_atom_id 
_struct_conn.pdbx_ptnr1_label_alt_id 
_struct_conn.pdbx_ptnr1_PDB_ins_code 
_struct_conn.pdbx_ptnr1_standard_comp_id 
_struct_conn.ptnr1_symmetry 
_struct_conn.ptnr2_label_asym_id 
_struct_conn.ptnr2_label_comp_id 
_struct_conn.ptnr2_label_seq_id 
_struct_conn.ptnr2_label_atom_id 
_struct_conn.pdbx_ptnr2_label_alt_id 
_struct_conn.pdbx_ptnr2_PDB_ins_code 
_struct_conn.ptnr1_auth_asym_id 
_struct_conn.ptnr1_auth_comp_id 
_struct_conn.ptnr1_auth_seq_id 
_struct_conn.ptnr2_auth_asym_id 
_struct_conn.ptnr2_auth_comp_id 
_struct_conn.ptnr2_auth_seq_id 
_struct_conn.ptnr2_symmetry 
_struct_conn.pdbx_ptnr3_label_atom_id 
_struct_conn.pdbx_ptnr3_label_seq_id 
_struct_conn.pdbx_ptnr3_label_comp_id 
_struct_conn.pdbx_ptnr3_label_asym_id 
_struct_conn.pdbx_ptnr3_label_alt_id 
_struct_conn.pdbx_ptnr3_PDB_ins_code 
_struct_conn.details 
_struct_conn.pdbx_dist_value 
_struct_conn.pdbx_value_order 
_struct_conn.pdbx_role 
covale1 covale both ? A PRO 54 C ? ? ? 1_555 A MSE 55 N ? ? A PRO 54 A MSE 55 1_555 ? ? ? ? ? ? ? 1.329 ? ? 
covale2 covale both ? A MSE 55 C ? ? ? 1_555 A GLY 56 N ? ? A MSE 55 A GLY 56 1_555 ? ? ? ? ? ? ? 1.326 ? ? 
# 
_struct_conn_type.id          covale 
_struct_conn_type.criteria    ? 
_struct_conn_type.reference   ? 
# 
_pdbx_modification_feature.ordinal                            1 
_pdbx_modification_feature.label_comp_id                      MSE 
_pdbx_modification_feature.label_asym_id                      A 
_pdbx_modification_feature.label_seq_id                       55 
_pdbx_modification_feature.label_alt_id                       ? 
_pdbx_modification_feature.modified_residue_label_comp_id     . 
_pdbx_modification_feature.modified_residue_label_asym_id     . 
_pdbx_modification_feature.modified_residue_label_seq_id      . 
_pdbx_modification_feature.modified_residue_label_alt_id      . 
_pdbx_modification_feature.auth_comp_id                       MSE 
_pdbx_modification_feature.auth_asym_id                       A 
_pdbx_modification_feature.auth_seq_id                        55 
_pdbx_modification_feature.PDB_ins_code                       ? 
_pdbx_modification_feature.symmetry                           1_555 
_pdbx_modification_feature.modified_residue_auth_comp_id      . 
_pdbx_modification_feature.modified_residue_auth_asym_id      . 
_pdbx_modification_feature.modified_residue_auth_seq_id       . 
_pdbx_modification_feature.modified_residue_PDB_ins_code      . 
_pdbx_modification_feature.modified_residue_symmetry          . 
_pdbx_modification_feature.comp_id_linking_atom               . 
_pdbx_modification_feature.modified_residue_id_linking_atom   . 
_pdbx_modification_feature.modified_residue_id                MET 
_pdbx_modification_feature.ref_pcm_id                         1 
_pdbx_modification_feature.ref_comp_id                        MSE 
_pdbx_modification_feature.type                               Selenomethionine 
_pdbx_modification_feature.category                           'Named protein modification' 
# 
loop_
_struct_mon_prot_cis.pdbx_id 
_struct_mon_prot_cis.label_comp_id 
_struct_mon_prot_cis.label_seq_id 
_struct_mon_prot_cis.label_asym_id 
_struct_mon_prot_cis.label_alt_id 
_struct_mon_prot_cis.pdbx_PDB_ins_code 
_struct_mon_prot_cis.auth_comp_id 
_struct_mon_prot_cis.auth_seq_id 
_struct_mon_prot_cis.auth_asym_id 
_struct_mon_prot_cis.pdbx_label_comp_id_2 
_struct_mon_prot_cis.pdbx_label_seq_id_2 
_struct_mon_prot_cis.pdbx_label_asym_id_2 
_struct_mon_prot_cis.pdbx_PDB_ins_code_2 
_struct_mon_prot_cis.pdbx_auth_comp_id_2 
_struct_mon_prot_cis.pdbx_auth_seq_id_2 
_struct_mon_prot_cis.pdbx_auth_asym_id_2 
_struct_mon_prot_cis.pdbx_PDB_model_num 
_struct_mon_prot_cis.pdbx_omega_angle 
1 VAL 48 A . ? VAL 48 A PRO 49 A ? PRO 49 A 1 0.01  
2 TRP 61 A . ? TRP 61 A PRO 62 A ? PRO 62 A 1 0.03  
3 ALA 75 A . ? ALA 75 A PRO 76 A ? PRO 76 A 1 -0.18 
# 
_struct_sheet.id               A 
_struct_sheet.type             ? 
_struct_sheet.number_strands   4 
_struct_sheet.details          ? 
# 
loop_
_struct_sheet_order.sheet_id 
_struct_sheet_order.range_id_1 
_struct_sheet_order.range_id_2 
_struct_sheet_order.offset 
_struct_sheet_order.sense 
A 1 2 ? parallel      
A 2 3 ? anti-parallel 
A 3 4 ? anti-parallel 
# 
loop_
_struct_sheet_range.sheet_id 
_struct_sheet_range.id 
_struct_sheet_range.beg_label_comp_id 
_struct_sheet_range.beg_label_asym_id 
_struct_sheet_range.beg_label_seq_id 
_struct_sheet_range.pdbx_beg_PDB_ins_code 
_struct_sheet_range.end_label_comp_id 
_struct_sheet_range.end_label_asym_id 
_struct_sheet_range.end_label_seq_id 
_struct_sheet_range.pdbx_end_PDB_ins_code 
_struct_sheet_range.beg_auth_comp_id 
_struct_sheet_range.beg_auth_asym_id 
_struct_sheet_range.beg_auth_seq_id 
_struct_sheet_range.end_auth_comp_id 
_struct_sheet_range.end_auth_asym_id 
_struct_sheet_range.end_auth_seq_id 
A 1 PHE A 29 ? PHE A 33 ? PHE A 29 PHE A 33 
A 2 LEU A 3  ? GLN A 7  ? LEU A 3  GLN A 7  
A 3 VAL A 50 ? ARG A 52 ? VAL A 50 ARG A 52 
A 4 GLU A 58 ? ASP A 60 ? GLU A 58 ASP A 60 
# 
loop_
_pdbx_struct_sheet_hbond.sheet_id 
_pdbx_struct_sheet_hbond.range_id_1 
_pdbx_struct_sheet_hbond.range_id_2 
_pdbx_struct_sheet_hbond.range_1_label_atom_id 
_pdbx_struct_sheet_hbond.range_1_label_comp_id 
_pdbx_struct_sheet_hbond.range_1_label_asym_id 
_pdbx_struct_sheet_hbond.range_1_label_seq_id 
_pdbx_struct_sheet_hbond.range_1_PDB_ins_code 
_pdbx_struct_sheet_hbond.range_1_auth_atom_id 
_pdbx_struct_sheet_hbond.range_1_auth_comp_id 
_pdbx_struct_sheet_hbond.range_1_auth_asym_id 
_pdbx_struct_sheet_hbond.range_1_auth_seq_id 
_pdbx_struct_sheet_hbond.range_2_label_atom_id 
_pdbx_struct_sheet_hbond.range_2_label_comp_id 
_pdbx_struct_sheet_hbond.range_2_label_asym_id 
_pdbx_struct_sheet_hbond.range_2_label_seq_id 
_pdbx_struct_sheet_hbond.range_2_PDB_ins_code 
_pdbx_struct_sheet_hbond.range_2_auth_atom_id 
_pdbx_struct_sheet_hbond.range_2_auth_comp_id 
_pdbx_struct_sheet_hbond.range_2_auth_asym_id 
_pdbx_struct_sheet_hbond.range_2_auth_seq_id 
A 1 2 O PHE A 30 ? O PHE A 30 N LEU A 3  ? N LEU A 3  
A 2 3 N TYR A 6  ? N TYR A 6  O VAL A 50 ? O VAL A 50 
A 3 4 N LEU A 51 ? N LEU A 51 O LEU A 59 ? O LEU A 59 
# 
_pdbx_entry_details.entry_id                   1TTZ 
_pdbx_entry_details.compound_details           ? 
_pdbx_entry_details.source_details             ? 
_pdbx_entry_details.nonpolymer_details         ? 
_pdbx_entry_details.sequence_details           ? 
_pdbx_entry_details.has_ligand_of_interest     ? 
_pdbx_entry_details.has_protein_modification   Y 
# 
_pdbx_SG_project.id                    1 
_pdbx_SG_project.project_name          'PSI, Protein Structure Initiative' 
_pdbx_SG_project.full_name_of_center   'Northeast Structural Genomics Consortium' 
_pdbx_SG_project.initial_of_center     NESG 
# 
_pdbx_struct_mod_residue.id               1 
_pdbx_struct_mod_residue.label_asym_id    A 
_pdbx_struct_mod_residue.label_comp_id    MSE 
_pdbx_struct_mod_residue.label_seq_id     55 
_pdbx_struct_mod_residue.auth_asym_id     A 
_pdbx_struct_mod_residue.auth_comp_id     MSE 
_pdbx_struct_mod_residue.auth_seq_id      55 
_pdbx_struct_mod_residue.PDB_ins_code     ? 
_pdbx_struct_mod_residue.parent_comp_id   MET 
_pdbx_struct_mod_residue.details          SELENOMETHIONINE 
# 
loop_
_pdbx_unobs_or_zero_occ_residues.id 
_pdbx_unobs_or_zero_occ_residues.PDB_model_num 
_pdbx_unobs_or_zero_occ_residues.polymer_flag 
_pdbx_unobs_or_zero_occ_residues.occupancy_flag 
_pdbx_unobs_or_zero_occ_residues.auth_asym_id 
_pdbx_unobs_or_zero_occ_residues.auth_comp_id 
_pdbx_unobs_or_zero_occ_residues.auth_seq_id 
_pdbx_unobs_or_zero_occ_residues.PDB_ins_code 
_pdbx_unobs_or_zero_occ_residues.label_asym_id 
_pdbx_unobs_or_zero_occ_residues.label_comp_id 
_pdbx_unobs_or_zero_occ_residues.label_seq_id 
1  1 Y 1 A MSE 1  ? A MSE 1  
2  1 Y 1 A HIS 77 ? A HIS 77 
3  1 Y 1 A ALA 78 ? A ALA 78 
4  1 Y 1 A LEU 79 ? A LEU 79 
5  1 Y 1 A GLU 80 ? A GLU 80 
6  1 Y 1 A HIS 81 ? A HIS 81 
7  1 Y 1 A HIS 82 ? A HIS 82 
8  1 Y 1 A HIS 83 ? A HIS 83 
9  1 Y 1 A HIS 84 ? A HIS 84 
10 1 Y 1 A HIS 85 ? A HIS 85 
11 1 Y 1 A HIS 86 ? A HIS 86 
12 1 Y 1 A HIS 87 ? A HIS 87 
# 
loop_
_chem_comp_atom.comp_id 
_chem_comp_atom.atom_id 
_chem_comp_atom.type_symbol 
_chem_comp_atom.pdbx_aromatic_flag 
_chem_comp_atom.pdbx_stereo_config 
_chem_comp_atom.pdbx_ordinal 
ALA N    N  N N 1   
ALA CA   C  N S 2   
ALA C    C  N N 3   
ALA O    O  N N 4   
ALA CB   C  N N 5   
ALA OXT  O  N N 6   
ALA H    H  N N 7   
ALA H2   H  N N 8   
ALA HA   H  N N 9   
ALA HB1  H  N N 10  
ALA HB2  H  N N 11  
ALA HB3  H  N N 12  
ALA HXT  H  N N 13  
ARG N    N  N N 14  
ARG CA   C  N S 15  
ARG C    C  N N 16  
ARG O    O  N N 17  
ARG CB   C  N N 18  
ARG CG   C  N N 19  
ARG CD   C  N N 20  
ARG NE   N  N N 21  
ARG CZ   C  N N 22  
ARG NH1  N  N N 23  
ARG NH2  N  N N 24  
ARG OXT  O  N N 25  
ARG H    H  N N 26  
ARG H2   H  N N 27  
ARG HA   H  N N 28  
ARG HB2  H  N N 29  
ARG HB3  H  N N 30  
ARG HG2  H  N N 31  
ARG HG3  H  N N 32  
ARG HD2  H  N N 33  
ARG HD3  H  N N 34  
ARG HE   H  N N 35  
ARG HH11 H  N N 36  
ARG HH12 H  N N 37  
ARG HH21 H  N N 38  
ARG HH22 H  N N 39  
ARG HXT  H  N N 40  
ASP N    N  N N 41  
ASP CA   C  N S 42  
ASP C    C  N N 43  
ASP O    O  N N 44  
ASP CB   C  N N 45  
ASP CG   C  N N 46  
ASP OD1  O  N N 47  
ASP OD2  O  N N 48  
ASP OXT  O  N N 49  
ASP H    H  N N 50  
ASP H2   H  N N 51  
ASP HA   H  N N 52  
ASP HB2  H  N N 53  
ASP HB3  H  N N 54  
ASP HD2  H  N N 55  
ASP HXT  H  N N 56  
CYS N    N  N N 57  
CYS CA   C  N R 58  
CYS C    C  N N 59  
CYS O    O  N N 60  
CYS CB   C  N N 61  
CYS SG   S  N N 62  
CYS OXT  O  N N 63  
CYS H    H  N N 64  
CYS H2   H  N N 65  
CYS HA   H  N N 66  
CYS HB2  H  N N 67  
CYS HB3  H  N N 68  
CYS HG   H  N N 69  
CYS HXT  H  N N 70  
GLN N    N  N N 71  
GLN CA   C  N S 72  
GLN C    C  N N 73  
GLN O    O  N N 74  
GLN CB   C  N N 75  
GLN CG   C  N N 76  
GLN CD   C  N N 77  
GLN OE1  O  N N 78  
GLN NE2  N  N N 79  
GLN OXT  O  N N 80  
GLN H    H  N N 81  
GLN H2   H  N N 82  
GLN HA   H  N N 83  
GLN HB2  H  N N 84  
GLN HB3  H  N N 85  
GLN HG2  H  N N 86  
GLN HG3  H  N N 87  
GLN HE21 H  N N 88  
GLN HE22 H  N N 89  
GLN HXT  H  N N 90  
GLU N    N  N N 91  
GLU CA   C  N S 92  
GLU C    C  N N 93  
GLU O    O  N N 94  
GLU CB   C  N N 95  
GLU CG   C  N N 96  
GLU CD   C  N N 97  
GLU OE1  O  N N 98  
GLU OE2  O  N N 99  
GLU OXT  O  N N 100 
GLU H    H  N N 101 
GLU H2   H  N N 102 
GLU HA   H  N N 103 
GLU HB2  H  N N 104 
GLU HB3  H  N N 105 
GLU HG2  H  N N 106 
GLU HG3  H  N N 107 
GLU HE2  H  N N 108 
GLU HXT  H  N N 109 
GLY N    N  N N 110 
GLY CA   C  N N 111 
GLY C    C  N N 112 
GLY O    O  N N 113 
GLY OXT  O  N N 114 
GLY H    H  N N 115 
GLY H2   H  N N 116 
GLY HA2  H  N N 117 
GLY HA3  H  N N 118 
GLY HXT  H  N N 119 
HIS N    N  N N 120 
HIS CA   C  N S 121 
HIS C    C  N N 122 
HIS O    O  N N 123 
HIS CB   C  N N 124 
HIS CG   C  Y N 125 
HIS ND1  N  Y N 126 
HIS CD2  C  Y N 127 
HIS CE1  C  Y N 128 
HIS NE2  N  Y N 129 
HIS OXT  O  N N 130 
HIS H    H  N N 131 
HIS H2   H  N N 132 
HIS HA   H  N N 133 
HIS HB2  H  N N 134 
HIS HB3  H  N N 135 
HIS HD1  H  N N 136 
HIS HD2  H  N N 137 
HIS HE1  H  N N 138 
HIS HE2  H  N N 139 
HIS HXT  H  N N 140 
HOH O    O  N N 141 
HOH H1   H  N N 142 
HOH H2   H  N N 143 
ILE N    N  N N 144 
ILE CA   C  N S 145 
ILE C    C  N N 146 
ILE O    O  N N 147 
ILE CB   C  N S 148 
ILE CG1  C  N N 149 
ILE CG2  C  N N 150 
ILE CD1  C  N N 151 
ILE OXT  O  N N 152 
ILE H    H  N N 153 
ILE H2   H  N N 154 
ILE HA   H  N N 155 
ILE HB   H  N N 156 
ILE HG12 H  N N 157 
ILE HG13 H  N N 158 
ILE HG21 H  N N 159 
ILE HG22 H  N N 160 
ILE HG23 H  N N 161 
ILE HD11 H  N N 162 
ILE HD12 H  N N 163 
ILE HD13 H  N N 164 
ILE HXT  H  N N 165 
LEU N    N  N N 166 
LEU CA   C  N S 167 
LEU C    C  N N 168 
LEU O    O  N N 169 
LEU CB   C  N N 170 
LEU CG   C  N N 171 
LEU CD1  C  N N 172 
LEU CD2  C  N N 173 
LEU OXT  O  N N 174 
LEU H    H  N N 175 
LEU H2   H  N N 176 
LEU HA   H  N N 177 
LEU HB2  H  N N 178 
LEU HB3  H  N N 179 
LEU HG   H  N N 180 
LEU HD11 H  N N 181 
LEU HD12 H  N N 182 
LEU HD13 H  N N 183 
LEU HD21 H  N N 184 
LEU HD22 H  N N 185 
LEU HD23 H  N N 186 
LEU HXT  H  N N 187 
MET N    N  N N 188 
MET CA   C  N S 189 
MET C    C  N N 190 
MET O    O  N N 191 
MET CB   C  N N 192 
MET CG   C  N N 193 
MET SD   S  N N 194 
MET CE   C  N N 195 
MET OXT  O  N N 196 
MET H    H  N N 197 
MET H2   H  N N 198 
MET HA   H  N N 199 
MET HB2  H  N N 200 
MET HB3  H  N N 201 
MET HG2  H  N N 202 
MET HG3  H  N N 203 
MET HE1  H  N N 204 
MET HE2  H  N N 205 
MET HE3  H  N N 206 
MET HXT  H  N N 207 
MSE N    N  N N 208 
MSE CA   C  N S 209 
MSE C    C  N N 210 
MSE O    O  N N 211 
MSE OXT  O  N N 212 
MSE CB   C  N N 213 
MSE CG   C  N N 214 
MSE SE   SE N N 215 
MSE CE   C  N N 216 
MSE H    H  N N 217 
MSE H2   H  N N 218 
MSE HA   H  N N 219 
MSE HXT  H  N N 220 
MSE HB2  H  N N 221 
MSE HB3  H  N N 222 
MSE HG2  H  N N 223 
MSE HG3  H  N N 224 
MSE HE1  H  N N 225 
MSE HE2  H  N N 226 
MSE HE3  H  N N 227 
PHE N    N  N N 228 
PHE CA   C  N S 229 
PHE C    C  N N 230 
PHE O    O  N N 231 
PHE CB   C  N N 232 
PHE CG   C  Y N 233 
PHE CD1  C  Y N 234 
PHE CD2  C  Y N 235 
PHE CE1  C  Y N 236 
PHE CE2  C  Y N 237 
PHE CZ   C  Y N 238 
PHE OXT  O  N N 239 
PHE H    H  N N 240 
PHE H2   H  N N 241 
PHE HA   H  N N 242 
PHE HB2  H  N N 243 
PHE HB3  H  N N 244 
PHE HD1  H  N N 245 
PHE HD2  H  N N 246 
PHE HE1  H  N N 247 
PHE HE2  H  N N 248 
PHE HZ   H  N N 249 
PHE HXT  H  N N 250 
PRO N    N  N N 251 
PRO CA   C  N S 252 
PRO C    C  N N 253 
PRO O    O  N N 254 
PRO CB   C  N N 255 
PRO CG   C  N N 256 
PRO CD   C  N N 257 
PRO OXT  O  N N 258 
PRO H    H  N N 259 
PRO HA   H  N N 260 
PRO HB2  H  N N 261 
PRO HB3  H  N N 262 
PRO HG2  H  N N 263 
PRO HG3  H  N N 264 
PRO HD2  H  N N 265 
PRO HD3  H  N N 266 
PRO HXT  H  N N 267 
SER N    N  N N 268 
SER CA   C  N S 269 
SER C    C  N N 270 
SER O    O  N N 271 
SER CB   C  N N 272 
SER OG   O  N N 273 
SER OXT  O  N N 274 
SER H    H  N N 275 
SER H2   H  N N 276 
SER HA   H  N N 277 
SER HB2  H  N N 278 
SER HB3  H  N N 279 
SER HG   H  N N 280 
SER HXT  H  N N 281 
THR N    N  N N 282 
THR CA   C  N S 283 
THR C    C  N N 284 
THR O    O  N N 285 
THR CB   C  N R 286 
THR OG1  O  N N 287 
THR CG2  C  N N 288 
THR OXT  O  N N 289 
THR H    H  N N 290 
THR H2   H  N N 291 
THR HA   H  N N 292 
THR HB   H  N N 293 
THR HG1  H  N N 294 
THR HG21 H  N N 295 
THR HG22 H  N N 296 
THR HG23 H  N N 297 
THR HXT  H  N N 298 
TRP N    N  N N 299 
TRP CA   C  N S 300 
TRP C    C  N N 301 
TRP O    O  N N 302 
TRP CB   C  N N 303 
TRP CG   C  Y N 304 
TRP CD1  C  Y N 305 
TRP CD2  C  Y N 306 
TRP NE1  N  Y N 307 
TRP CE2  C  Y N 308 
TRP CE3  C  Y N 309 
TRP CZ2  C  Y N 310 
TRP CZ3  C  Y N 311 
TRP CH2  C  Y N 312 
TRP OXT  O  N N 313 
TRP H    H  N N 314 
TRP H2   H  N N 315 
TRP HA   H  N N 316 
TRP HB2  H  N N 317 
TRP HB3  H  N N 318 
TRP HD1  H  N N 319 
TRP HE1  H  N N 320 
TRP HE3  H  N N 321 
TRP HZ2  H  N N 322 
TRP HZ3  H  N N 323 
TRP HH2  H  N N 324 
TRP HXT  H  N N 325 
TYR N    N  N N 326 
TYR CA   C  N S 327 
TYR C    C  N N 328 
TYR O    O  N N 329 
TYR CB   C  N N 330 
TYR CG   C  Y N 331 
TYR CD1  C  Y N 332 
TYR CD2  C  Y N 333 
TYR CE1  C  Y N 334 
TYR CE2  C  Y N 335 
TYR CZ   C  Y N 336 
TYR OH   O  N N 337 
TYR OXT  O  N N 338 
TYR H    H  N N 339 
TYR H2   H  N N 340 
TYR HA   H  N N 341 
TYR HB2  H  N N 342 
TYR HB3  H  N N 343 
TYR HD1  H  N N 344 
TYR HD2  H  N N 345 
TYR HE1  H  N N 346 
TYR HE2  H  N N 347 
TYR HH   H  N N 348 
TYR HXT  H  N N 349 
VAL N    N  N N 350 
VAL CA   C  N S 351 
VAL C    C  N N 352 
VAL O    O  N N 353 
VAL CB   C  N N 354 
VAL CG1  C  N N 355 
VAL CG2  C  N N 356 
VAL OXT  O  N N 357 
VAL H    H  N N 358 
VAL H2   H  N N 359 
VAL HA   H  N N 360 
VAL HB   H  N N 361 
VAL HG11 H  N N 362 
VAL HG12 H  N N 363 
VAL HG13 H  N N 364 
VAL HG21 H  N N 365 
VAL HG22 H  N N 366 
VAL HG23 H  N N 367 
VAL HXT  H  N N 368 
# 
loop_
_chem_comp_bond.comp_id 
_chem_comp_bond.atom_id_1 
_chem_comp_bond.atom_id_2 
_chem_comp_bond.value_order 
_chem_comp_bond.pdbx_aromatic_flag 
_chem_comp_bond.pdbx_stereo_config 
_chem_comp_bond.pdbx_ordinal 
ALA N   CA   sing N N 1   
ALA N   H    sing N N 2   
ALA N   H2   sing N N 3   
ALA CA  C    sing N N 4   
ALA CA  CB   sing N N 5   
ALA CA  HA   sing N N 6   
ALA C   O    doub N N 7   
ALA C   OXT  sing N N 8   
ALA CB  HB1  sing N N 9   
ALA CB  HB2  sing N N 10  
ALA CB  HB3  sing N N 11  
ALA OXT HXT  sing N N 12  
ARG N   CA   sing N N 13  
ARG N   H    sing N N 14  
ARG N   H2   sing N N 15  
ARG CA  C    sing N N 16  
ARG CA  CB   sing N N 17  
ARG CA  HA   sing N N 18  
ARG C   O    doub N N 19  
ARG C   OXT  sing N N 20  
ARG CB  CG   sing N N 21  
ARG CB  HB2  sing N N 22  
ARG CB  HB3  sing N N 23  
ARG CG  CD   sing N N 24  
ARG CG  HG2  sing N N 25  
ARG CG  HG3  sing N N 26  
ARG CD  NE   sing N N 27  
ARG CD  HD2  sing N N 28  
ARG CD  HD3  sing N N 29  
ARG NE  CZ   sing N N 30  
ARG NE  HE   sing N N 31  
ARG CZ  NH1  sing N N 32  
ARG CZ  NH2  doub N N 33  
ARG NH1 HH11 sing N N 34  
ARG NH1 HH12 sing N N 35  
ARG NH2 HH21 sing N N 36  
ARG NH2 HH22 sing N N 37  
ARG OXT HXT  sing N N 38  
ASP N   CA   sing N N 39  
ASP N   H    sing N N 40  
ASP N   H2   sing N N 41  
ASP CA  C    sing N N 42  
ASP CA  CB   sing N N 43  
ASP CA  HA   sing N N 44  
ASP C   O    doub N N 45  
ASP C   OXT  sing N N 46  
ASP CB  CG   sing N N 47  
ASP CB  HB2  sing N N 48  
ASP CB  HB3  sing N N 49  
ASP CG  OD1  doub N N 50  
ASP CG  OD2  sing N N 51  
ASP OD2 HD2  sing N N 52  
ASP OXT HXT  sing N N 53  
CYS N   CA   sing N N 54  
CYS N   H    sing N N 55  
CYS N   H2   sing N N 56  
CYS CA  C    sing N N 57  
CYS CA  CB   sing N N 58  
CYS CA  HA   sing N N 59  
CYS C   O    doub N N 60  
CYS C   OXT  sing N N 61  
CYS CB  SG   sing N N 62  
CYS CB  HB2  sing N N 63  
CYS CB  HB3  sing N N 64  
CYS SG  HG   sing N N 65  
CYS OXT HXT  sing N N 66  
GLN N   CA   sing N N 67  
GLN N   H    sing N N 68  
GLN N   H2   sing N N 69  
GLN CA  C    sing N N 70  
GLN CA  CB   sing N N 71  
GLN CA  HA   sing N N 72  
GLN C   O    doub N N 73  
GLN C   OXT  sing N N 74  
GLN CB  CG   sing N N 75  
GLN CB  HB2  sing N N 76  
GLN CB  HB3  sing N N 77  
GLN CG  CD   sing N N 78  
GLN CG  HG2  sing N N 79  
GLN CG  HG3  sing N N 80  
GLN CD  OE1  doub N N 81  
GLN CD  NE2  sing N N 82  
GLN NE2 HE21 sing N N 83  
GLN NE2 HE22 sing N N 84  
GLN OXT HXT  sing N N 85  
GLU N   CA   sing N N 86  
GLU N   H    sing N N 87  
GLU N   H2   sing N N 88  
GLU CA  C    sing N N 89  
GLU CA  CB   sing N N 90  
GLU CA  HA   sing N N 91  
GLU C   O    doub N N 92  
GLU C   OXT  sing N N 93  
GLU CB  CG   sing N N 94  
GLU CB  HB2  sing N N 95  
GLU CB  HB3  sing N N 96  
GLU CG  CD   sing N N 97  
GLU CG  HG2  sing N N 98  
GLU CG  HG3  sing N N 99  
GLU CD  OE1  doub N N 100 
GLU CD  OE2  sing N N 101 
GLU OE2 HE2  sing N N 102 
GLU OXT HXT  sing N N 103 
GLY N   CA   sing N N 104 
GLY N   H    sing N N 105 
GLY N   H2   sing N N 106 
GLY CA  C    sing N N 107 
GLY CA  HA2  sing N N 108 
GLY CA  HA3  sing N N 109 
GLY C   O    doub N N 110 
GLY C   OXT  sing N N 111 
GLY OXT HXT  sing N N 112 
HIS N   CA   sing N N 113 
HIS N   H    sing N N 114 
HIS N   H2   sing N N 115 
HIS CA  C    sing N N 116 
HIS CA  CB   sing N N 117 
HIS CA  HA   sing N N 118 
HIS C   O    doub N N 119 
HIS C   OXT  sing N N 120 
HIS CB  CG   sing N N 121 
HIS CB  HB2  sing N N 122 
HIS CB  HB3  sing N N 123 
HIS CG  ND1  sing Y N 124 
HIS CG  CD2  doub Y N 125 
HIS ND1 CE1  doub Y N 126 
HIS ND1 HD1  sing N N 127 
HIS CD2 NE2  sing Y N 128 
HIS CD2 HD2  sing N N 129 
HIS CE1 NE2  sing Y N 130 
HIS CE1 HE1  sing N N 131 
HIS NE2 HE2  sing N N 132 
HIS OXT HXT  sing N N 133 
HOH O   H1   sing N N 134 
HOH O   H2   sing N N 135 
ILE N   CA   sing N N 136 
ILE N   H    sing N N 137 
ILE N   H2   sing N N 138 
ILE CA  C    sing N N 139 
ILE CA  CB   sing N N 140 
ILE CA  HA   sing N N 141 
ILE C   O    doub N N 142 
ILE C   OXT  sing N N 143 
ILE CB  CG1  sing N N 144 
ILE CB  CG2  sing N N 145 
ILE CB  HB   sing N N 146 
ILE CG1 CD1  sing N N 147 
ILE CG1 HG12 sing N N 148 
ILE CG1 HG13 sing N N 149 
ILE CG2 HG21 sing N N 150 
ILE CG2 HG22 sing N N 151 
ILE CG2 HG23 sing N N 152 
ILE CD1 HD11 sing N N 153 
ILE CD1 HD12 sing N N 154 
ILE CD1 HD13 sing N N 155 
ILE OXT HXT  sing N N 156 
LEU N   CA   sing N N 157 
LEU N   H    sing N N 158 
LEU N   H2   sing N N 159 
LEU CA  C    sing N N 160 
LEU CA  CB   sing N N 161 
LEU CA  HA   sing N N 162 
LEU C   O    doub N N 163 
LEU C   OXT  sing N N 164 
LEU CB  CG   sing N N 165 
LEU CB  HB2  sing N N 166 
LEU CB  HB3  sing N N 167 
LEU CG  CD1  sing N N 168 
LEU CG  CD2  sing N N 169 
LEU CG  HG   sing N N 170 
LEU CD1 HD11 sing N N 171 
LEU CD1 HD12 sing N N 172 
LEU CD1 HD13 sing N N 173 
LEU CD2 HD21 sing N N 174 
LEU CD2 HD22 sing N N 175 
LEU CD2 HD23 sing N N 176 
LEU OXT HXT  sing N N 177 
MET N   CA   sing N N 178 
MET N   H    sing N N 179 
MET N   H2   sing N N 180 
MET CA  C    sing N N 181 
MET CA  CB   sing N N 182 
MET CA  HA   sing N N 183 
MET C   O    doub N N 184 
MET C   OXT  sing N N 185 
MET CB  CG   sing N N 186 
MET CB  HB2  sing N N 187 
MET CB  HB3  sing N N 188 
MET CG  SD   sing N N 189 
MET CG  HG2  sing N N 190 
MET CG  HG3  sing N N 191 
MET SD  CE   sing N N 192 
MET CE  HE1  sing N N 193 
MET CE  HE2  sing N N 194 
MET CE  HE3  sing N N 195 
MET OXT HXT  sing N N 196 
MSE N   CA   sing N N 197 
MSE N   H    sing N N 198 
MSE N   H2   sing N N 199 
MSE CA  C    sing N N 200 
MSE CA  CB   sing N N 201 
MSE CA  HA   sing N N 202 
MSE C   O    doub N N 203 
MSE C   OXT  sing N N 204 
MSE OXT HXT  sing N N 205 
MSE CB  CG   sing N N 206 
MSE CB  HB2  sing N N 207 
MSE CB  HB3  sing N N 208 
MSE CG  SE   sing N N 209 
MSE CG  HG2  sing N N 210 
MSE CG  HG3  sing N N 211 
MSE SE  CE   sing N N 212 
MSE CE  HE1  sing N N 213 
MSE CE  HE2  sing N N 214 
MSE CE  HE3  sing N N 215 
PHE N   CA   sing N N 216 
PHE N   H    sing N N 217 
PHE N   H2   sing N N 218 
PHE CA  C    sing N N 219 
PHE CA  CB   sing N N 220 
PHE CA  HA   sing N N 221 
PHE C   O    doub N N 222 
PHE C   OXT  sing N N 223 
PHE CB  CG   sing N N 224 
PHE CB  HB2  sing N N 225 
PHE CB  HB3  sing N N 226 
PHE CG  CD1  doub Y N 227 
PHE CG  CD2  sing Y N 228 
PHE CD1 CE1  sing Y N 229 
PHE CD1 HD1  sing N N 230 
PHE CD2 CE2  doub Y N 231 
PHE CD2 HD2  sing N N 232 
PHE CE1 CZ   doub Y N 233 
PHE CE1 HE1  sing N N 234 
PHE CE2 CZ   sing Y N 235 
PHE CE2 HE2  sing N N 236 
PHE CZ  HZ   sing N N 237 
PHE OXT HXT  sing N N 238 
PRO N   CA   sing N N 239 
PRO N   CD   sing N N 240 
PRO N   H    sing N N 241 
PRO CA  C    sing N N 242 
PRO CA  CB   sing N N 243 
PRO CA  HA   sing N N 244 
PRO C   O    doub N N 245 
PRO C   OXT  sing N N 246 
PRO CB  CG   sing N N 247 
PRO CB  HB2  sing N N 248 
PRO CB  HB3  sing N N 249 
PRO CG  CD   sing N N 250 
PRO CG  HG2  sing N N 251 
PRO CG  HG3  sing N N 252 
PRO CD  HD2  sing N N 253 
PRO CD  HD3  sing N N 254 
PRO OXT HXT  sing N N 255 
SER N   CA   sing N N 256 
SER N   H    sing N N 257 
SER N   H2   sing N N 258 
SER CA  C    sing N N 259 
SER CA  CB   sing N N 260 
SER CA  HA   sing N N 261 
SER C   O    doub N N 262 
SER C   OXT  sing N N 263 
SER CB  OG   sing N N 264 
SER CB  HB2  sing N N 265 
SER CB  HB3  sing N N 266 
SER OG  HG   sing N N 267 
SER OXT HXT  sing N N 268 
THR N   CA   sing N N 269 
THR N   H    sing N N 270 
THR N   H2   sing N N 271 
THR CA  C    sing N N 272 
THR CA  CB   sing N N 273 
THR CA  HA   sing N N 274 
THR C   O    doub N N 275 
THR C   OXT  sing N N 276 
THR CB  OG1  sing N N 277 
THR CB  CG2  sing N N 278 
THR CB  HB   sing N N 279 
THR OG1 HG1  sing N N 280 
THR CG2 HG21 sing N N 281 
THR CG2 HG22 sing N N 282 
THR CG2 HG23 sing N N 283 
THR OXT HXT  sing N N 284 
TRP N   CA   sing N N 285 
TRP N   H    sing N N 286 
TRP N   H2   sing N N 287 
TRP CA  C    sing N N 288 
TRP CA  CB   sing N N 289 
TRP CA  HA   sing N N 290 
TRP C   O    doub N N 291 
TRP C   OXT  sing N N 292 
TRP CB  CG   sing N N 293 
TRP CB  HB2  sing N N 294 
TRP CB  HB3  sing N N 295 
TRP CG  CD1  doub Y N 296 
TRP CG  CD2  sing Y N 297 
TRP CD1 NE1  sing Y N 298 
TRP CD1 HD1  sing N N 299 
TRP CD2 CE2  doub Y N 300 
TRP CD2 CE3  sing Y N 301 
TRP NE1 CE2  sing Y N 302 
TRP NE1 HE1  sing N N 303 
TRP CE2 CZ2  sing Y N 304 
TRP CE3 CZ3  doub Y N 305 
TRP CE3 HE3  sing N N 306 
TRP CZ2 CH2  doub Y N 307 
TRP CZ2 HZ2  sing N N 308 
TRP CZ3 CH2  sing Y N 309 
TRP CZ3 HZ3  sing N N 310 
TRP CH2 HH2  sing N N 311 
TRP OXT HXT  sing N N 312 
TYR N   CA   sing N N 313 
TYR N   H    sing N N 314 
TYR N   H2   sing N N 315 
TYR CA  C    sing N N 316 
TYR CA  CB   sing N N 317 
TYR CA  HA   sing N N 318 
TYR C   O    doub N N 319 
TYR C   OXT  sing N N 320 
TYR CB  CG   sing N N 321 
TYR CB  HB2  sing N N 322 
TYR CB  HB3  sing N N 323 
TYR CG  CD1  doub Y N 324 
TYR CG  CD2  sing Y N 325 
TYR CD1 CE1  sing Y N 326 
TYR CD1 HD1  sing N N 327 
TYR CD2 CE2  doub Y N 328 
TYR CD2 HD2  sing N N 329 
TYR CE1 CZ   doub Y N 330 
TYR CE1 HE1  sing N N 331 
TYR CE2 CZ   sing Y N 332 
TYR CE2 HE2  sing N N 333 
TYR CZ  OH   sing N N 334 
TYR OH  HH   sing N N 335 
TYR OXT HXT  sing N N 336 
VAL N   CA   sing N N 337 
VAL N   H    sing N N 338 
VAL N   H2   sing N N 339 
VAL CA  C    sing N N 340 
VAL CA  CB   sing N N 341 
VAL CA  HA   sing N N 342 
VAL C   O    doub N N 343 
VAL C   OXT  sing N N 344 
VAL CB  CG1  sing N N 345 
VAL CB  CG2  sing N N 346 
VAL CB  HB   sing N N 347 
VAL CG1 HG11 sing N N 348 
VAL CG1 HG12 sing N N 349 
VAL CG1 HG13 sing N N 350 
VAL CG2 HG21 sing N N 351 
VAL CG2 HG22 sing N N 352 
VAL CG2 HG23 sing N N 353 
VAL OXT HXT  sing N N 354 
# 
_atom_sites.entry_id                    1TTZ 
_atom_sites.fract_transf_matrix[1][1]   0.01036888 
_atom_sites.fract_transf_matrix[1][2]   0.00057118 
_atom_sites.fract_transf_matrix[1][3]   -0.01557290 
_atom_sites.fract_transf_matrix[2][1]   0.01854044 
_atom_sites.fract_transf_matrix[2][2]   0.00228574 
_atom_sites.fract_transf_matrix[2][3]   0.00117944 
_atom_sites.fract_transf_matrix[3][1]   0.00306165 
_atom_sites.fract_transf_matrix[3][2]   -0.02540526 
_atom_sites.fract_transf_matrix[3][3]   0.00110672 
_atom_sites.fract_transf_vector[1]      0.528800 
_atom_sites.fract_transf_vector[2]      0.639815 
_atom_sites.fract_transf_vector[3]      0.741733 
# 
loop_
_atom_type.symbol 
C  
N  
O  
S  
SE 
# 
loop_
_atom_site.group_PDB 
_atom_site.id 
_atom_site.type_symbol 
_atom_site.label_atom_id 
_atom_site.label_alt_id 
_atom_site.label_comp_id 
_atom_site.label_asym_id 
_atom_site.label_entity_id 
_atom_site.label_seq_id 
_atom_site.pdbx_PDB_ins_code 
_atom_site.Cartn_x 
_atom_site.Cartn_y 
_atom_site.Cartn_z 
_atom_site.occupancy 
_atom_site.B_iso_or_equiv 
_atom_site.pdbx_formal_charge 
_atom_site.auth_seq_id 
_atom_site.auth_comp_id 
_atom_site.auth_asym_id 
_atom_site.auth_atom_id 
_atom_site.pdbx_PDB_model_num 
ATOM   1   N  N   . ALA A 1 2  ? 5.022   6.579   -9.579  1.00 7.68  ? 2   ALA A N   1 
ATOM   2   C  CA  . ALA A 1 2  ? 4.095   6.649   -8.411  1.00 10.44 ? 2   ALA A CA  1 
ATOM   3   C  C   . ALA A 1 2  ? 3.630   5.264   -7.974  1.00 9.92  ? 2   ALA A C   1 
ATOM   4   O  O   . ALA A 1 2  ? 3.556   4.336   -8.779  1.00 12.06 ? 2   ALA A O   1 
ATOM   5   C  CB  . ALA A 1 2  ? 2.883   7.511   -8.756  1.00 8.26  ? 2   ALA A CB  1 
ATOM   6   N  N   . LEU A 1 3  ? 3.316   5.136   -6.691  1.00 8.50  ? 3   LEU A N   1 
ATOM   7   C  CA  . LEU A 1 3  ? 2.847   3.874   -6.135  1.00 6.56  ? 3   LEU A CA  1 
ATOM   8   C  C   . LEU A 1 3  ? 1.327   3.904   -6.048  1.00 6.86  ? 3   LEU A C   1 
ATOM   9   O  O   . LEU A 1 3  ? 0.717   4.964   -6.161  1.00 6.03  ? 3   LEU A O   1 
ATOM   10  C  CB  . LEU A 1 3  ? 3.423   3.675   -4.732  1.00 5.79  ? 3   LEU A CB  1 
ATOM   11  C  CG  . LEU A 1 3  ? 4.950   3.662   -4.630  1.00 6.71  ? 3   LEU A CG  1 
ATOM   12  C  CD1 . LEU A 1 3  ? 5.359   3.638   -3.167  1.00 7.06  ? 3   LEU A CD1 1 
ATOM   13  C  CD2 . LEU A 1 3  ? 5.502   2.449   -5.366  1.00 3.52  ? 3   LEU A CD2 1 
ATOM   14  N  N   . THR A 1 4  ? 0.721   2.736   -5.867  1.00 6.53  ? 4   THR A N   1 
ATOM   15  C  CA  . THR A 1 4  ? -0.722  2.649   -5.716  1.00 4.82  ? 4   THR A CA  1 
ATOM   16  C  C   . THR A 1 4  ? -0.941  2.031   -4.346  1.00 4.19  ? 4   THR A C   1 
ATOM   17  O  O   . THR A 1 4  ? -0.457  0.933   -4.073  1.00 3.77  ? 4   THR A O   1 
ATOM   18  C  CB  . THR A 1 4  ? -1.375  1.724   -6.772  1.00 5.38  ? 4   THR A CB  1 
ATOM   19  O  OG1 . THR A 1 4  ? -1.013  2.155   -8.087  1.00 6.10  ? 4   THR A OG1 1 
ATOM   20  C  CG2 . THR A 1 4  ? -2.888  1.751   -6.636  1.00 7.92  ? 4   THR A CG2 1 
ATOM   21  N  N   . LEU A 1 5  ? -1.643  2.742   -3.476  1.00 2.52  ? 5   LEU A N   1 
ATOM   22  C  CA  . LEU A 1 5  ? -1.924  2.213   -2.153  1.00 3.41  ? 5   LEU A CA  1 
ATOM   23  C  C   . LEU A 1 5  ? -3.375  1.770   -2.077  1.00 4.80  ? 5   LEU A C   1 
ATOM   24  O  O   . LEU A 1 5  ? -4.287  2.599   -2.052  1.00 4.81  ? 5   LEU A O   1 
ATOM   25  C  CB  . LEU A 1 5  ? -1.664  3.262   -1.062  1.00 2.42  ? 5   LEU A CB  1 
ATOM   26  C  CG  . LEU A 1 5  ? -2.080  2.788   0.344   1.00 1.38  ? 5   LEU A CG  1 
ATOM   27  C  CD1 . LEU A 1 5  ? -1.108  1.710   0.826   1.00 1.00  ? 5   LEU A CD1 1 
ATOM   28  C  CD2 . LEU A 1 5  ? -2.097  3.955   1.331   1.00 1.00  ? 5   LEU A CD2 1 
ATOM   29  N  N   . TYR A 1 6  ? -3.595  0.463   -2.066  1.00 5.03  ? 6   TYR A N   1 
ATOM   30  C  CA  . TYR A 1 6  ? -4.945  -0.038  -1.951  1.00 8.03  ? 6   TYR A CA  1 
ATOM   31  C  C   . TYR A 1 6  ? -5.286  -0.033  -0.465  1.00 9.24  ? 6   TYR A C   1 
ATOM   32  O  O   . TYR A 1 6  ? -4.554  -0.592  0.357   1.00 8.31  ? 6   TYR A O   1 
ATOM   33  C  CB  . TYR A 1 6  ? -5.059  -1.456  -2.526  1.00 6.05  ? 6   TYR A CB  1 
ATOM   34  C  CG  . TYR A 1 6  ? -4.898  -1.497  -4.024  1.00 6.40  ? 6   TYR A CG  1 
ATOM   35  C  CD1 . TYR A 1 6  ? -3.675  -1.823  -4.608  1.00 8.88  ? 6   TYR A CD1 1 
ATOM   36  C  CD2 . TYR A 1 6  ? -5.963  -1.173  -4.863  1.00 5.85  ? 6   TYR A CD2 1 
ATOM   37  C  CE1 . TYR A 1 6  ? -3.516  -1.825  -6.003  1.00 8.92  ? 6   TYR A CE1 1 
ATOM   38  C  CE2 . TYR A 1 6  ? -5.814  -1.175  -6.254  1.00 7.23  ? 6   TYR A CE2 1 
ATOM   39  C  CZ  . TYR A 1 6  ? -4.592  -1.502  -6.814  1.00 7.99  ? 6   TYR A CZ  1 
ATOM   40  O  OH  . TYR A 1 6  ? -4.448  -1.522  -8.181  1.00 9.56  ? 6   TYR A OH  1 
ATOM   41  N  N   . GLN A 1 7  ? -6.379  0.632   -0.120  1.00 10.05 ? 7   GLN A N   1 
ATOM   42  C  CA  . GLN A 1 7  ? -6.816  0.692   1.263   1.00 12.73 ? 7   GLN A CA  1 
ATOM   43  C  C   . GLN A 1 7  ? -8.330  0.766   1.346   1.00 13.78 ? 7   GLN A C   1 
ATOM   44  O  O   . GLN A 1 7  ? -9.016  0.819   0.328   1.00 11.59 ? 7   GLN A O   1 
ATOM   45  C  CB  . GLN A 1 7  ? -6.188  1.895   1.979   1.00 14.45 ? 7   GLN A CB  1 
ATOM   46  C  CG  . GLN A 1 7  ? -6.531  3.268   1.414   1.00 14.99 ? 7   GLN A CG  1 
ATOM   47  C  CD  . GLN A 1 7  ? -5.898  4.404   2.213   1.00 12.58 ? 7   GLN A CD  1 
ATOM   48  O  OE1 . GLN A 1 7  ? -6.071  4.496   3.428   1.00 8.35  ? 7   GLN A OE1 1 
ATOM   49  N  NE2 . GLN A 1 7  ? -5.162  5.274   1.528   1.00 13.00 ? 7   GLN A NE2 1 
ATOM   50  N  N   . ARG A 1 8  ? -8.852  0.733   2.564   1.00 15.97 ? 8   ARG A N   1 
ATOM   51  C  CA  . ARG A 1 8  ? -10.289 0.826   2.766   1.00 19.17 ? 8   ARG A CA  1 
ATOM   52  C  C   . ARG A 1 8  ? -10.509 1.960   3.750   1.00 20.00 ? 8   ARG A C   1 
ATOM   53  O  O   . ARG A 1 8  ? -9.600  2.314   4.505   1.00 19.24 ? 8   ARG A O   1 
ATOM   54  C  CB  . ARG A 1 8  ? -10.857 -0.485  3.336   1.00 19.54 ? 8   ARG A CB  1 
ATOM   55  C  CG  . ARG A 1 8  ? -10.389 -0.789  4.750   1.00 20.82 ? 8   ARG A CG  1 
ATOM   56  C  CD  . ARG A 1 8  ? -11.268 -1.808  5.472   1.00 23.87 ? 8   ARG A CD  1 
ATOM   57  N  NE  . ARG A 1 8  ? -11.148 -3.166  4.947   1.00 24.46 ? 8   ARG A NE  1 
ATOM   58  C  CZ  . ARG A 1 8  ? -11.885 -3.661  3.959   1.00 26.99 ? 8   ARG A CZ  1 
ATOM   59  N  NH1 . ARG A 1 8  ? -12.809 -2.906  3.375   1.00 26.50 ? 8   ARG A NH1 1 
ATOM   60  N  NH2 . ARG A 1 8  ? -11.704 -4.917  3.561   1.00 26.07 ? 8   ARG A NH2 1 
ATOM   61  N  N   . ASP A 1 9  ? -11.706 2.535   3.741   1.00 23.14 ? 9   ASP A N   1 
ATOM   62  C  CA  . ASP A 1 9  ? -12.022 3.630   4.653   1.00 25.86 ? 9   ASP A CA  1 
ATOM   63  C  C   . ASP A 1 9  ? -12.146 3.139   6.091   1.00 24.60 ? 9   ASP A C   1 
ATOM   64  O  O   . ASP A 1 9  ? -12.508 1.988   6.336   1.00 24.61 ? 9   ASP A O   1 
ATOM   65  C  CB  . ASP A 1 9  ? -13.326 4.318   4.240   1.00 29.26 ? 9   ASP A CB  1 
ATOM   66  C  CG  . ASP A 1 9  ? -13.156 5.196   3.018   1.00 33.78 ? 9   ASP A CG  1 
ATOM   67  O  OD1 . ASP A 1 9  ? -12.333 6.134   3.077   1.00 36.06 ? 9   ASP A OD1 1 
ATOM   68  O  OD2 . ASP A 1 9  ? -13.844 4.952   2.000   1.00 36.89 ? 9   ASP A OD2 1 
ATOM   69  N  N   . ASP A 1 10 ? -11.846 4.026   7.033   1.00 24.17 ? 10  ASP A N   1 
ATOM   70  C  CA  . ASP A 1 10 ? -11.917 3.710   8.453   1.00 23.34 ? 10  ASP A CA  1 
ATOM   71  C  C   . ASP A 1 10 ? -11.096 2.465   8.798   1.00 21.89 ? 10  ASP A C   1 
ATOM   72  O  O   . ASP A 1 10 ? -11.649 1.411   9.121   1.00 20.93 ? 10  ASP A O   1 
ATOM   73  C  CB  . ASP A 1 10 ? -13.382 3.521   8.876   1.00 25.46 ? 10  ASP A CB  1 
ATOM   74  C  CG  . ASP A 1 10 ? -13.548 3.439   10.385  1.00 28.67 ? 10  ASP A CG  1 
ATOM   75  O  OD1 . ASP A 1 10 ? -13.028 4.340   11.083  1.00 30.84 ? 10  ASP A OD1 1 
ATOM   76  O  OD2 . ASP A 1 10 ? -14.196 2.486   10.874  1.00 29.43 ? 10  ASP A OD2 1 
ATOM   77  N  N   . CYS A 1 11 ? -9.773  2.596   8.717   1.00 19.22 ? 11  CYS A N   1 
ATOM   78  C  CA  . CYS A 1 11 ? -8.867  1.498   9.039   1.00 17.16 ? 11  CYS A CA  1 
ATOM   79  C  C   . CYS A 1 11 ? -7.548  2.043   9.570   1.00 16.56 ? 11  CYS A C   1 
ATOM   80  O  O   . CYS A 1 11 ? -6.818  2.736   8.861   1.00 17.38 ? 11  CYS A O   1 
ATOM   81  C  CB  . CYS A 1 11 ? -8.600  0.631   7.807   1.00 16.07 ? 11  CYS A CB  1 
ATOM   82  S  SG  . CYS A 1 11 ? -7.438  -0.724  8.112   1.00 15.07 ? 11  CYS A SG  1 
ATOM   83  N  N   . HIS A 1 12 ? -7.252  1.726   10.825  1.00 14.09 ? 12  HIS A N   1 
ATOM   84  C  CA  . HIS A 1 12 ? -6.023  2.170   11.465  1.00 12.71 ? 12  HIS A CA  1 
ATOM   85  C  C   . HIS A 1 12 ? -4.777  1.636   10.750  1.00 11.04 ? 12  HIS A C   1 
ATOM   86  O  O   . HIS A 1 12 ? -3.763  2.326   10.665  1.00 11.65 ? 12  HIS A O   1 
ATOM   87  C  CB  . HIS A 1 12 ? -6.013  1.721   12.927  1.00 12.32 ? 12  HIS A CB  1 
ATOM   88  C  CG  . HIS A 1 12 ? -4.735  2.027   13.644  1.00 12.88 ? 12  HIS A CG  1 
ATOM   89  N  ND1 . HIS A 1 12 ? -4.319  3.314   13.911  1.00 12.75 ? 12  HIS A ND1 1 
ATOM   90  C  CD2 . HIS A 1 12 ? -3.774  1.211   14.135  1.00 12.78 ? 12  HIS A CD2 1 
ATOM   91  C  CE1 . HIS A 1 12 ? -3.155  3.276   14.536  1.00 11.82 ? 12  HIS A CE1 1 
ATOM   92  N  NE2 . HIS A 1 12 ? -2.802  2.012   14.684  1.00 12.83 ? 12  HIS A NE2 1 
ATOM   93  N  N   . LEU A 1 13 ? -4.851  0.409   10.242  1.00 8.96  ? 13  LEU A N   1 
ATOM   94  C  CA  . LEU A 1 13 ? -3.707  -0.181  9.542   1.00 8.06  ? 13  LEU A CA  1 
ATOM   95  C  C   . LEU A 1 13 ? -3.399  0.605   8.276   1.00 6.41  ? 13  LEU A C   1 
ATOM   96  O  O   . LEU A 1 13 ? -2.236  0.814   7.931   1.00 5.25  ? 13  LEU A O   1 
ATOM   97  C  CB  . LEU A 1 13 ? -3.984  -1.640  9.183   1.00 7.04  ? 13  LEU A CB  1 
ATOM   98  C  CG  . LEU A 1 13 ? -4.442  -2.548  10.332  1.00 7.37  ? 13  LEU A CG  1 
ATOM   99  C  CD1 . LEU A 1 13 ? -4.508  -3.984  9.832   1.00 5.68  ? 13  LEU A CD1 1 
ATOM   100 C  CD2 . LEU A 1 13 ? -3.471  -2.434  11.513  1.00 7.02  ? 13  LEU A CD2 1 
ATOM   101 N  N   . CYS A 1 14 ? -4.451  1.041   7.588   1.00 6.40  ? 14  CYS A N   1 
ATOM   102 C  CA  . CYS A 1 14 ? -4.292  1.818   6.369   1.00 7.75  ? 14  CYS A CA  1 
ATOM   103 C  C   . CYS A 1 14 ? -3.692  3.184   6.681   1.00 7.12  ? 14  CYS A C   1 
ATOM   104 O  O   . CYS A 1 14 ? -2.852  3.682   5.937   1.00 5.83  ? 14  CYS A O   1 
ATOM   105 C  CB  . CYS A 1 14 ? -5.638  1.983   5.654   1.00 9.43  ? 14  CYS A CB  1 
ATOM   106 S  SG  . CYS A 1 14 ? -6.224  0.475   4.815   1.00 12.60 ? 14  CYS A SG  1 
ATOM   107 N  N   . ASP A 1 15 ? -4.118  3.793   7.782   1.00 8.17  ? 15  ASP A N   1 
ATOM   108 C  CA  . ASP A 1 15 ? -3.577  5.091   8.160   1.00 7.72  ? 15  ASP A CA  1 
ATOM   109 C  C   . ASP A 1 15 ? -2.097  4.942   8.458   1.00 7.20  ? 15  ASP A C   1 
ATOM   110 O  O   . ASP A 1 15 ? -1.313  5.841   8.181   1.00 7.53  ? 15  ASP A O   1 
ATOM   111 C  CB  . ASP A 1 15 ? -4.270  5.645   9.402   1.00 8.50  ? 15  ASP A CB  1 
ATOM   112 C  CG  . ASP A 1 15 ? -5.756  5.823   9.207   1.00 10.05 ? 15  ASP A CG  1 
ATOM   113 O  OD1 . ASP A 1 15 ? -6.186  6.086   8.061   1.00 8.05  ? 15  ASP A OD1 1 
ATOM   114 O  OD2 . ASP A 1 15 ? -6.487  5.707   10.208  1.00 11.33 ? 15  ASP A OD2 1 
ATOM   115 N  N   . GLN A 1 16 ? -1.721  3.799   9.027   1.00 8.28  ? 16  GLN A N   1 
ATOM   116 C  CA  . GLN A 1 16 ? -0.322  3.541   9.354   1.00 7.45  ? 16  GLN A CA  1 
ATOM   117 C  C   . GLN A 1 16 ? 0.519   3.366   8.094   1.00 8.07  ? 16  GLN A C   1 
ATOM   118 O  O   . GLN A 1 16 ? 1.694   3.731   8.070   1.00 6.07  ? 16  GLN A O   1 
ATOM   119 C  CB  . GLN A 1 16 ? -0.186  2.289   10.217  1.00 6.75  ? 16  GLN A CB  1 
ATOM   120 C  CG  . GLN A 1 16 ? -0.786  2.394   11.605  1.00 9.40  ? 16  GLN A CG  1 
ATOM   121 C  CD  . GLN A 1 16 ? -0.580  1.118   12.409  1.00 10.22 ? 16  GLN A CD  1 
ATOM   122 O  OE1 . GLN A 1 16 ? 0.445   0.941   13.070  1.00 13.87 ? 16  GLN A OE1 1 
ATOM   123 N  NE2 . GLN A 1 16 ? -1.544  0.213   12.333  1.00 10.64 ? 16  GLN A NE2 1 
ATOM   124 N  N   . ALA A 1 17 ? -0.079  2.794   7.049   1.00 7.35  ? 17  ALA A N   1 
ATOM   125 C  CA  . ALA A 1 17 ? 0.637   2.604   5.791   1.00 5.91  ? 17  ALA A CA  1 
ATOM   126 C  C   . ALA A 1 17 ? 0.947   3.991   5.236   1.00 6.59  ? 17  ALA A C   1 
ATOM   127 O  O   . ALA A 1 17 ? 2.032   4.243   4.723   1.00 6.98  ? 17  ALA A O   1 
ATOM   128 C  CB  . ALA A 1 17 ? -0.215  1.823   4.806   1.00 4.62  ? 17  ALA A CB  1 
ATOM   129 N  N   . VAL A 1 18 ? -0.016  4.894   5.354   1.00 6.50  ? 18  VAL A N   1 
ATOM   130 C  CA  . VAL A 1 18 ? 0.175   6.251   4.870   1.00 6.63  ? 18  VAL A CA  1 
ATOM   131 C  C   . VAL A 1 18 ? 1.396   6.888   5.546   1.00 7.31  ? 18  VAL A C   1 
ATOM   132 O  O   . VAL A 1 18 ? 2.194   7.557   4.890   1.00 4.45  ? 18  VAL A O   1 
ATOM   133 C  CB  . VAL A 1 18 ? -1.078  7.112   5.146   1.00 7.24  ? 18  VAL A CB  1 
ATOM   134 C  CG1 . VAL A 1 18 ? -0.822  8.564   4.738   1.00 5.71  ? 18  VAL A CG1 1 
ATOM   135 C  CG2 . VAL A 1 18 ? -2.268  6.549   4.372   1.00 5.68  ? 18  VAL A CG2 1 
ATOM   136 N  N   . GLU A 1 19 ? 1.546   6.667   6.851   1.00 8.13  ? 19  GLU A N   1 
ATOM   137 C  CA  . GLU A 1 19 ? 2.676   7.226   7.586   1.00 7.24  ? 19  GLU A CA  1 
ATOM   138 C  C   . GLU A 1 19 ? 3.977   6.542   7.182   1.00 8.47  ? 19  GLU A C   1 
ATOM   139 O  O   . GLU A 1 19 ? 5.036   7.176   7.158   1.00 6.94  ? 19  GLU A O   1 
ATOM   140 C  CB  . GLU A 1 19 ? 2.468   7.082   9.096   1.00 6.75  ? 19  GLU A CB  1 
ATOM   141 C  CG  . GLU A 1 19 ? 1.167   7.687   9.597   1.00 9.25  ? 19  GLU A CG  1 
ATOM   142 C  CD  . GLU A 1 19 ? 1.175   7.976   11.091  1.00 14.16 ? 19  GLU A CD  1 
ATOM   143 O  OE1 . GLU A 1 19 ? 1.633   7.118   11.876  1.00 13.15 ? 19  GLU A OE1 1 
ATOM   144 O  OE2 . GLU A 1 19 ? 0.709   9.066   11.484  1.00 17.44 ? 19  GLU A OE2 1 
ATOM   145 N  N   . ALA A 1 20 ? 3.902   5.250   6.871   1.00 8.09  ? 20  ALA A N   1 
ATOM   146 C  CA  . ALA A 1 20 ? 5.085   4.506   6.458   1.00 7.64  ? 20  ALA A CA  1 
ATOM   147 C  C   . ALA A 1 20 ? 5.599   5.090   5.142   1.00 7.83  ? 20  ALA A C   1 
ATOM   148 O  O   . ALA A 1 20 ? 6.803   5.177   4.922   1.00 7.49  ? 20  ALA A O   1 
ATOM   149 C  CB  . ALA A 1 20 ? 4.745   3.034   6.284   1.00 7.28  ? 20  ALA A CB  1 
ATOM   150 N  N   . LEU A 1 21 ? 4.676   5.481   4.265   1.00 6.93  ? 21  LEU A N   1 
ATOM   151 C  CA  . LEU A 1 21 ? 5.050   6.072   2.988   1.00 5.88  ? 21  LEU A CA  1 
ATOM   152 C  C   . LEU A 1 21 ? 5.780   7.389   3.196   1.00 5.41  ? 21  LEU A C   1 
ATOM   153 O  O   . LEU A 1 21 ? 6.701   7.716   2.458   1.00 4.61  ? 21  LEU A O   1 
ATOM   154 C  CB  . LEU A 1 21 ? 3.807   6.293   2.123   1.00 5.04  ? 21  LEU A CB  1 
ATOM   155 C  CG  . LEU A 1 21 ? 3.273   4.980   1.539   1.00 3.27  ? 21  LEU A CG  1 
ATOM   156 C  CD1 . LEU A 1 21 ? 1.802   5.109   1.204   1.00 3.35  ? 21  LEU A CD1 1 
ATOM   157 C  CD2 . LEU A 1 21 ? 4.099   4.609   0.316   1.00 1.68  ? 21  LEU A CD2 1 
ATOM   158 N  N   . ALA A 1 22 ? 5.364   8.142   4.207   1.00 6.44  ? 22  ALA A N   1 
ATOM   159 C  CA  . ALA A 1 22 ? 5.987   9.429   4.509   1.00 6.71  ? 22  ALA A CA  1 
ATOM   160 C  C   . ALA A 1 22 ? 7.357   9.242   5.143   1.00 7.35  ? 22  ALA A C   1 
ATOM   161 O  O   . ALA A 1 22 ? 8.326   9.898   4.757   1.00 10.38 ? 22  ALA A O   1 
ATOM   162 C  CB  . ALA A 1 22 ? 5.093   10.243  5.450   1.00 5.69  ? 22  ALA A CB  1 
ATOM   163 N  N   . GLN A 1 23 ? 7.441   8.339   6.116   1.00 5.80  ? 23  GLN A N   1 
ATOM   164 C  CA  . GLN A 1 23 ? 8.701   8.099   6.811   1.00 7.38  ? 23  GLN A CA  1 
ATOM   165 C  C   . GLN A 1 23 ? 9.766   7.432   5.952   1.00 7.34  ? 23  GLN A C   1 
ATOM   166 O  O   . GLN A 1 23 ? 10.949  7.739   6.084   1.00 6.38  ? 23  GLN A O   1 
ATOM   167 C  CB  . GLN A 1 23 ? 8.455   7.296   8.095   1.00 7.28  ? 23  GLN A CB  1 
ATOM   168 C  CG  . GLN A 1 23 ? 7.654   8.084   9.146   1.00 7.94  ? 23  GLN A CG  1 
ATOM   169 C  CD  . GLN A 1 23 ? 7.660   7.428   10.517  1.00 10.00 ? 23  GLN A CD  1 
ATOM   170 O  OE1 . GLN A 1 23 ? 7.224   6.291   10.673  1.00 9.55  ? 23  GLN A OE1 1 
ATOM   171 N  NE2 . GLN A 1 23 ? 8.146   8.153   11.523  1.00 9.04  ? 23  GLN A NE2 1 
ATOM   172 N  N   . ALA A 1 24 ? 9.353   6.517   5.082   1.00 6.22  ? 24  ALA A N   1 
ATOM   173 C  CA  . ALA A 1 24 ? 10.295  5.844   4.195   1.00 7.70  ? 24  ALA A CA  1 
ATOM   174 C  C   . ALA A 1 24 ? 10.603  6.784   3.033   1.00 8.32  ? 24  ALA A C   1 
ATOM   175 O  O   . ALA A 1 24 ? 11.447  6.492   2.187   1.00 9.69  ? 24  ALA A O   1 
ATOM   176 C  CB  . ALA A 1 24 ? 9.691   4.548   3.668   1.00 7.82  ? 24  ALA A CB  1 
ATOM   177 N  N   . ARG A 1 25 ? 9.909   7.918   3.006   1.00 8.52  ? 25  ARG A N   1 
ATOM   178 C  CA  . ARG A 1 25 ? 10.080  8.908   1.953   1.00 9.47  ? 25  ARG A CA  1 
ATOM   179 C  C   . ARG A 1 25 ? 9.866   8.267   0.588   1.00 10.08 ? 25  ARG A C   1 
ATOM   180 O  O   . ARG A 1 25 ? 10.641  8.475   -0.349  1.00 8.70  ? 25  ARG A O   1 
ATOM   181 C  CB  . ARG A 1 25 ? 11.470  9.552   2.032   1.00 11.07 ? 25  ARG A CB  1 
ATOM   182 C  CG  . ARG A 1 25 ? 11.681  10.390  3.294   1.00 13.24 ? 25  ARG A CG  1 
ATOM   183 C  CD  . ARG A 1 25 ? 10.723  11.584  3.363   1.00 17.98 ? 25  ARG A CD  1 
ATOM   184 N  NE  . ARG A 1 25 ? 11.023  12.611  2.364   1.00 20.57 ? 25  ARG A NE  1 
ATOM   185 C  CZ  . ARG A 1 25 ? 10.426  13.801  2.298   1.00 22.22 ? 25  ARG A CZ  1 
ATOM   186 N  NH1 . ARG A 1 25 ? 9.484   14.136  3.173   1.00 21.86 ? 25  ARG A NH1 1 
ATOM   187 N  NH2 . ARG A 1 25 ? 10.778  14.663  1.356   1.00 24.23 ? 25  ARG A NH2 1 
ATOM   188 N  N   . ALA A 1 26 ? 8.819   7.455   0.495   1.00 9.23  ? 26  ALA A N   1 
ATOM   189 C  CA  . ALA A 1 26 ? 8.489   6.820   -0.762  1.00 10.56 ? 26  ALA A CA  1 
ATOM   190 C  C   . ALA A 1 26 ? 8.072   8.018   -1.600  1.00 12.46 ? 26  ALA A C   1 
ATOM   191 O  O   . ALA A 1 26 ? 7.670   9.045   -1.053  1.00 16.05 ? 26  ALA A O   1 
ATOM   192 C  CB  . ALA A 1 26 ? 7.330   5.860   -0.578  1.00 9.76  ? 26  ALA A CB  1 
ATOM   193 N  N   . GLY A 1 27 ? 8.174   7.917   -2.913  1.00 11.72 ? 27  GLY A N   1 
ATOM   194 C  CA  . GLY A 1 27 ? 7.801   9.061   -3.724  1.00 14.13 ? 27  GLY A CA  1 
ATOM   195 C  C   . GLY A 1 27 ? 6.318   9.378   -3.708  1.00 13.29 ? 27  GLY A C   1 
ATOM   196 O  O   . GLY A 1 27 ? 5.661   9.392   -2.664  1.00 11.74 ? 27  GLY A O   1 
ATOM   197 N  N   . ALA A 1 28 ? 5.793   9.638   -4.896  1.00 11.44 ? 28  ALA A N   1 
ATOM   198 C  CA  . ALA A 1 28 ? 4.386   9.948   -5.062  1.00 8.72  ? 28  ALA A CA  1 
ATOM   199 C  C   . ALA A 1 28 ? 3.605   8.652   -4.983  1.00 6.40  ? 28  ALA A C   1 
ATOM   200 O  O   . ALA A 1 28 ? 4.105   7.599   -5.352  1.00 7.33  ? 28  ALA A O   1 
ATOM   201 C  CB  . ALA A 1 28 ? 4.162   10.604  -6.426  1.00 7.24  ? 28  ALA A CB  1 
ATOM   202 N  N   . PHE A 1 29 ? 2.386   8.722   -4.473  1.00 5.98  ? 29  PHE A N   1 
ATOM   203 C  CA  . PHE A 1 29 ? 1.545   7.540   -4.422  1.00 6.23  ? 29  PHE A CA  1 
ATOM   204 C  C   . PHE A 1 29 ? 0.098   7.996   -4.495  1.00 7.16  ? 29  PHE A C   1 
ATOM   205 O  O   . PHE A 1 29 ? -0.222  9.120   -4.097  1.00 5.83  ? 29  PHE A O   1 
ATOM   206 C  CB  . PHE A 1 29 ? 1.780   6.725   -3.144  1.00 5.38  ? 29  PHE A CB  1 
ATOM   207 C  CG  . PHE A 1 29 ? 1.198   7.337   -1.906  1.00 4.44  ? 29  PHE A CG  1 
ATOM   208 C  CD1 . PHE A 1 29 ? 1.933   8.248   -1.146  1.00 4.93  ? 29  PHE A CD1 1 
ATOM   209 C  CD2 . PHE A 1 29 ? -0.089  6.997   -1.492  1.00 5.16  ? 29  PHE A CD2 1 
ATOM   210 C  CE1 . PHE A 1 29 ? 1.392   8.812   0.016   1.00 2.97  ? 29  PHE A CE1 1 
ATOM   211 C  CE2 . PHE A 1 29 ? -0.641  7.557   -0.330  1.00 5.59  ? 29  PHE A CE2 1 
ATOM   212 C  CZ  . PHE A 1 29 ? 0.104   8.465   0.422   1.00 5.28  ? 29  PHE A CZ  1 
ATOM   213 N  N   . PHE A 1 30 ? -0.768  7.134   -5.017  1.00 5.61  ? 30  PHE A N   1 
ATOM   214 C  CA  . PHE A 1 30 ? -2.183  7.462   -5.114  1.00 8.03  ? 30  PHE A CA  1 
ATOM   215 C  C   . PHE A 1 30 ? -2.990  6.354   -4.464  1.00 8.69  ? 30  PHE A C   1 
ATOM   216 O  O   . PHE A 1 30 ? -2.710  5.173   -4.663  1.00 8.01  ? 30  PHE A O   1 
ATOM   217 C  CB  . PHE A 1 30 ? -2.601  7.615   -6.578  1.00 6.56  ? 30  PHE A CB  1 
ATOM   218 C  CG  . PHE A 1 30 ? -1.977  8.791   -7.255  1.00 9.82  ? 30  PHE A CG  1 
ATOM   219 C  CD1 . PHE A 1 30 ? -2.295  10.092  -6.847  1.00 8.68  ? 30  PHE A CD1 1 
ATOM   220 C  CD2 . PHE A 1 30 ? -1.047  8.609   -8.278  1.00 7.45  ? 30  PHE A CD2 1 
ATOM   221 C  CE1 . PHE A 1 30 ? -1.691  11.200  -7.449  1.00 9.72  ? 30  PHE A CE1 1 
ATOM   222 C  CE2 . PHE A 1 30 ? -0.439  9.710   -8.885  1.00 10.66 ? 30  PHE A CE2 1 
ATOM   223 C  CZ  . PHE A 1 30 ? -0.761  11.006  -8.469  1.00 10.28 ? 30  PHE A CZ  1 
ATOM   224 N  N   . SER A 1 31 ? -3.989  6.741   -3.686  1.00 7.44  ? 31  SER A N   1 
ATOM   225 C  CA  . SER A 1 31 ? -4.837  5.783   -3.001  1.00 7.81  ? 31  SER A CA  1 
ATOM   226 C  C   . SER A 1 31 ? -6.008  5.323   -3.853  1.00 7.79  ? 31  SER A C   1 
ATOM   227 O  O   . SER A 1 31 ? -6.599  6.100   -4.594  1.00 8.92  ? 31  SER A O   1 
ATOM   228 C  CB  . SER A 1 31 ? -5.394  6.393   -1.708  1.00 5.67  ? 31  SER A CB  1 
ATOM   229 O  OG  . SER A 1 31 ? -4.399  6.491   -0.711  1.00 7.85  ? 31  SER A OG  1 
ATOM   230 N  N   . VAL A 1 32 ? -6.323  4.040   -3.741  1.00 8.12  ? 32  VAL A N   1 
ATOM   231 C  CA  . VAL A 1 32 ? -7.458  3.454   -4.429  1.00 7.58  ? 32  VAL A CA  1 
ATOM   232 C  C   . VAL A 1 32 ? -8.214  2.742   -3.317  1.00 8.39  ? 32  VAL A C   1 
ATOM   233 O  O   . VAL A 1 32 ? -7.697  1.809   -2.713  1.00 8.99  ? 32  VAL A O   1 
ATOM   234 C  CB  . VAL A 1 32 ? -7.033  2.431   -5.504  1.00 5.87  ? 32  VAL A CB  1 
ATOM   235 C  CG1 . VAL A 1 32 ? -8.265  1.722   -6.066  1.00 8.20  ? 32  VAL A CG1 1 
ATOM   236 C  CG2 . VAL A 1 32 ? -6.304  3.127   -6.626  1.00 4.88  ? 32  VAL A CG2 1 
ATOM   237 N  N   . PHE A 1 33 ? -9.419  3.218   -3.024  1.00 10.11 ? 33  PHE A N   1 
ATOM   238 C  CA  . PHE A 1 33 ? -10.251 2.631   -1.982  1.00 12.79 ? 33  PHE A CA  1 
ATOM   239 C  C   . PHE A 1 33 ? -11.101 1.505   -2.543  1.00 13.13 ? 33  PHE A C   1 
ATOM   240 O  O   . PHE A 1 33 ? -11.868 1.704   -3.478  1.00 15.41 ? 33  PHE A O   1 
ATOM   241 C  CB  . PHE A 1 33 ? -11.118 3.717   -1.365  1.00 13.16 ? 33  PHE A CB  1 
ATOM   242 C  CG  . PHE A 1 33 ? -10.334 4.711   -0.580  1.00 14.19 ? 33  PHE A CG  1 
ATOM   243 C  CD1 . PHE A 1 33 ? -10.011 4.457   0.749   1.00 14.76 ? 33  PHE A CD1 1 
ATOM   244 C  CD2 . PHE A 1 33 ? -9.857  5.878   -1.182  1.00 15.97 ? 33  PHE A CD2 1 
ATOM   245 C  CE1 . PHE A 1 33 ? -9.220  5.351   1.479   1.00 15.76 ? 33  PHE A CE1 1 
ATOM   246 C  CE2 . PHE A 1 33 ? -9.062  6.781   -0.461  1.00 17.92 ? 33  PHE A CE2 1 
ATOM   247 C  CZ  . PHE A 1 33 ? -8.744  6.512   0.873   1.00 18.13 ? 33  PHE A CZ  1 
ATOM   248 N  N   . ILE A 1 34 ? -10.963 0.325   -1.949  1.00 13.20 ? 34  ILE A N   1 
ATOM   249 C  CA  . ILE A 1 34 ? -11.659 -0.877  -2.395  1.00 13.76 ? 34  ILE A CA  1 
ATOM   250 C  C   . ILE A 1 34 ? -13.112 -0.994  -1.953  1.00 16.09 ? 34  ILE A C   1 
ATOM   251 O  O   . ILE A 1 34 ? -13.868 -1.788  -2.504  1.00 16.92 ? 34  ILE A O   1 
ATOM   252 C  CB  . ILE A 1 34 ? -10.918 -2.135  -1.890  1.00 11.95 ? 34  ILE A CB  1 
ATOM   253 C  CG1 . ILE A 1 34 ? -11.014 -2.205  -0.363  1.00 10.71 ? 34  ILE A CG1 1 
ATOM   254 C  CG2 . ILE A 1 34 ? -9.449  -2.070  -2.284  1.00 13.04 ? 34  ILE A CG2 1 
ATOM   255 C  CD1 . ILE A 1 34 ? -10.505 -3.501  0.244   1.00 9.13  ? 34  ILE A CD1 1 
ATOM   256 N  N   . ASP A 1 35 ? -13.485 -0.210  -0.952  1.00 19.83 ? 35  ASP A N   1 
ATOM   257 C  CA  . ASP A 1 35 ? -14.829 -0.237  -0.390  1.00 24.32 ? 35  ASP A CA  1 
ATOM   258 C  C   . ASP A 1 35 ? -15.990 -0.508  -1.341  1.00 25.98 ? 35  ASP A C   1 
ATOM   259 O  O   . ASP A 1 35 ? -16.746 -1.457  -1.142  1.00 27.66 ? 35  ASP A O   1 
ATOM   260 C  CB  . ASP A 1 35 ? -15.069 1.059   0.379   1.00 24.91 ? 35  ASP A CB  1 
ATOM   261 C  CG  . ASP A 1 35 ? -14.127 1.208   1.555   1.00 28.15 ? 35  ASP A CG  1 
ATOM   262 O  OD1 . ASP A 1 35 ? -14.346 0.536   2.585   1.00 30.66 ? 35  ASP A OD1 1 
ATOM   263 O  OD2 . ASP A 1 35 ? -13.155 1.981   1.444   1.00 28.25 ? 35  ASP A OD2 1 
ATOM   264 N  N   . ASP A 1 36 ? -16.131 0.298   -2.382  1.00 27.79 ? 36  ASP A N   1 
ATOM   265 C  CA  . ASP A 1 36 ? -17.247 0.107   -3.301  1.00 31.19 ? 36  ASP A CA  1 
ATOM   266 C  C   . ASP A 1 36 ? -16.900 -0.566  -4.621  1.00 31.47 ? 36  ASP A C   1 
ATOM   267 O  O   . ASP A 1 36 ? -17.461 -0.233  -5.663  1.00 32.24 ? 36  ASP A O   1 
ATOM   268 C  CB  . ASP A 1 36 ? -17.921 1.452   -3.557  1.00 33.47 ? 36  ASP A CB  1 
ATOM   269 C  CG  . ASP A 1 36 ? -18.421 2.093   -2.278  1.00 36.22 ? 36  ASP A CG  1 
ATOM   270 O  OD1 . ASP A 1 36 ? -19.300 1.491   -1.622  1.00 37.59 ? 36  ASP A OD1 1 
ATOM   271 O  OD2 . ASP A 1 36 ? -17.927 3.189   -1.923  1.00 36.26 ? 36  ASP A OD2 1 
ATOM   272 N  N   . ASP A 1 37 ? -15.976 -1.520  -4.570  1.00 30.56 ? 37  ASP A N   1 
ATOM   273 C  CA  . ASP A 1 37 ? -15.559 -2.250  -5.757  1.00 28.66 ? 37  ASP A CA  1 
ATOM   274 C  C   . ASP A 1 37 ? -15.452 -3.719  -5.378  1.00 27.28 ? 37  ASP A C   1 
ATOM   275 O  O   . ASP A 1 37 ? -14.488 -4.141  -4.746  1.00 27.61 ? 37  ASP A O   1 
ATOM   276 C  CB  . ASP A 1 37 ? -14.207 -1.735  -6.244  1.00 30.85 ? 37  ASP A CB  1 
ATOM   277 C  CG  . ASP A 1 37 ? -13.826 -2.293  -7.597  1.00 33.35 ? 37  ASP A CG  1 
ATOM   278 O  OD1 . ASP A 1 37 ? -13.869 -3.528  -7.767  1.00 35.55 ? 37  ASP A OD1 1 
ATOM   279 O  OD2 . ASP A 1 37 ? -13.474 -1.495  -8.491  1.00 35.98 ? 37  ASP A OD2 1 
ATOM   280 N  N   . ALA A 1 38 ? -16.461 -4.492  -5.759  1.00 24.59 ? 38  ALA A N   1 
ATOM   281 C  CA  . ALA A 1 38 ? -16.499 -5.916  -5.452  1.00 21.98 ? 38  ALA A CA  1 
ATOM   282 C  C   . ALA A 1 38 ? -15.213 -6.630  -5.845  1.00 19.35 ? 38  ALA A C   1 
ATOM   283 O  O   . ALA A 1 38 ? -14.681 -7.418  -5.068  1.00 18.99 ? 38  ALA A O   1 
ATOM   284 C  CB  . ALA A 1 38 ? -17.690 -6.567  -6.145  1.00 21.27 ? 38  ALA A CB  1 
ATOM   285 N  N   . ALA A 1 39 ? -14.708 -6.343  -7.041  1.00 16.13 ? 39  ALA A N   1 
ATOM   286 C  CA  . ALA A 1 39 ? -13.484 -6.974  -7.521  1.00 15.45 ? 39  ALA A CA  1 
ATOM   287 C  C   . ALA A 1 39 ? -12.274 -6.656  -6.635  1.00 15.69 ? 39  ALA A C   1 
ATOM   288 O  O   . ALA A 1 39 ? -11.486 -7.546  -6.298  1.00 14.69 ? 39  ALA A O   1 
ATOM   289 C  CB  . ALA A 1 39 ? -13.211 -6.549  -8.957  1.00 14.57 ? 39  ALA A CB  1 
ATOM   290 N  N   . LEU A 1 40 ? -12.124 -5.387  -6.261  1.00 13.42 ? 40  LEU A N   1 
ATOM   291 C  CA  . LEU A 1 40 ? -11.013 -4.982  -5.412  1.00 12.12 ? 40  LEU A CA  1 
ATOM   292 C  C   . LEU A 1 40 ? -11.207 -5.534  -4.006  1.00 11.18 ? 40  LEU A C   1 
ATOM   293 O  O   . LEU A 1 40 ? -10.243 -5.886  -3.326  1.00 8.23  ? 40  LEU A O   1 
ATOM   294 C  CB  . LEU A 1 40 ? -10.903 -3.457  -5.367  1.00 12.16 ? 40  LEU A CB  1 
ATOM   295 C  CG  . LEU A 1 40 ? -10.442 -2.808  -6.673  1.00 13.52 ? 40  LEU A CG  1 
ATOM   296 C  CD1 . LEU A 1 40 ? -10.442 -1.294  -6.530  1.00 13.92 ? 40  LEU A CD1 1 
ATOM   297 C  CD2 . LEU A 1 40 ? -9.040  -3.314  -7.019  1.00 14.00 ? 40  LEU A CD2 1 
ATOM   298 N  N   . GLU A 1 41 ? -12.461 -5.609  -3.575  1.00 10.60 ? 41  GLU A N   1 
ATOM   299 C  CA  . GLU A 1 41 ? -12.772 -6.134  -2.252  1.00 11.13 ? 41  GLU A CA  1 
ATOM   300 C  C   . GLU A 1 41 ? -12.347 -7.590  -2.123  1.00 8.83  ? 41  GLU A C   1 
ATOM   301 O  O   . GLU A 1 41 ? -11.760 -7.983  -1.117  1.00 6.66  ? 41  GLU A O   1 
ATOM   302 C  CB  . GLU A 1 41 ? -14.275 -6.027  -1.968  1.00 14.11 ? 41  GLU A CB  1 
ATOM   303 C  CG  . GLU A 1 41 ? -14.651 -4.894  -1.039  1.00 20.36 ? 41  GLU A CG  1 
ATOM   304 C  CD  . GLU A 1 41 ? -14.145 -5.103  0.378   1.00 23.46 ? 41  GLU A CD  1 
ATOM   305 O  OE1 . GLU A 1 41 ? -14.221 -4.152  1.185   1.00 27.98 ? 41  GLU A OE1 1 
ATOM   306 O  OE2 . GLU A 1 41 ? -13.676 -6.214  0.693   1.00 27.72 ? 41  GLU A OE2 1 
ATOM   307 N  N   . SER A 1 42 ? -12.644 -8.390  -3.142  1.00 6.30  ? 42  SER A N   1 
ATOM   308 C  CA  . SER A 1 42 ? -12.302 -9.809  -3.096  1.00 8.18  ? 42  SER A CA  1 
ATOM   309 C  C   . SER A 1 42 ? -10.800 -10.037 -3.223  1.00 6.83  ? 42  SER A C   1 
ATOM   310 O  O   . SER A 1 42 ? -10.252 -10.963 -2.620  1.00 6.16  ? 42  SER A O   1 
ATOM   311 C  CB  . SER A 1 42 ? -13.036 -10.572 -4.201  1.00 6.88  ? 42  SER A CB  1 
ATOM   312 O  OG  . SER A 1 42 ? -12.530 -10.229 -5.476  1.00 17.90 ? 42  SER A OG  1 
ATOM   313 N  N   . ALA A 1 43 ? -10.141 -9.179  -3.994  1.00 6.66  ? 43  ALA A N   1 
ATOM   314 C  CA  . ALA A 1 43 ? -8.707  -9.282  -4.215  1.00 8.59  ? 43  ALA A CA  1 
ATOM   315 C  C   . ALA A 1 43 ? -7.858  -8.731  -3.072  1.00 9.21  ? 43  ALA A C   1 
ATOM   316 O  O   . ALA A 1 43 ? -6.800  -9.282  -2.777  1.00 9.28  ? 43  ALA A O   1 
ATOM   317 C  CB  . ALA A 1 43 ? -8.331  -8.573  -5.519  1.00 7.10  ? 43  ALA A CB  1 
ATOM   318 N  N   . TYR A 1 44 ? -8.304  -7.650  -2.435  1.00 9.23  ? 44  TYR A N   1 
ATOM   319 C  CA  . TYR A 1 44 ? -7.530  -7.046  -1.347  1.00 8.74  ? 44  TYR A CA  1 
ATOM   320 C  C   . TYR A 1 44 ? -8.237  -6.942  0.006   1.00 8.85  ? 44  TYR A C   1 
ATOM   321 O  O   . TYR A 1 44 ? -7.626  -6.516  0.987   1.00 8.38  ? 44  TYR A O   1 
ATOM   322 C  CB  . TYR A 1 44 ? -7.068  -5.639  -1.744  1.00 9.35  ? 44  TYR A CB  1 
ATOM   323 C  CG  . TYR A 1 44 ? -6.242  -5.563  -3.008  1.00 10.91 ? 44  TYR A CG  1 
ATOM   324 C  CD1 . TYR A 1 44 ? -6.823  -5.221  -4.229  1.00 11.51 ? 44  TYR A CD1 1 
ATOM   325 C  CD2 . TYR A 1 44 ? -4.877  -5.828  -2.982  1.00 10.70 ? 44  TYR A CD2 1 
ATOM   326 C  CE1 . TYR A 1 44 ? -6.055  -5.143  -5.399  1.00 12.24 ? 44  TYR A CE1 1 
ATOM   327 C  CE2 . TYR A 1 44 ? -4.103  -5.758  -4.134  1.00 10.85 ? 44  TYR A CE2 1 
ATOM   328 C  CZ  . TYR A 1 44 ? -4.692  -5.416  -5.338  1.00 13.27 ? 44  TYR A CZ  1 
ATOM   329 O  OH  . TYR A 1 44 ? -3.903  -5.359  -6.468  1.00 13.22 ? 44  TYR A OH  1 
ATOM   330 N  N   . GLY A 1 45 ? -9.510  -7.327  0.053   1.00 6.96  ? 45  GLY A N   1 
ATOM   331 C  CA  . GLY A 1 45 ? -10.307 -7.240  1.270   1.00 8.82  ? 45  GLY A CA  1 
ATOM   332 C  C   . GLY A 1 45 ? -9.771  -7.792  2.580   1.00 11.53 ? 45  GLY A C   1 
ATOM   333 O  O   . GLY A 1 45 ? -10.205 -7.365  3.652   1.00 14.64 ? 45  GLY A O   1 
ATOM   334 N  N   . LEU A 1 46 ? -8.849  -8.745  2.503   1.00 11.57 ? 46  LEU A N   1 
ATOM   335 C  CA  . LEU A 1 46 ? -8.249  -9.345  3.695   1.00 12.00 ? 46  LEU A CA  1 
ATOM   336 C  C   . LEU A 1 46 ? -6.777  -8.938  3.827   1.00 11.27 ? 46  LEU A C   1 
ATOM   337 O  O   . LEU A 1 46 ? -6.120  -9.281  4.809   1.00 11.91 ? 46  LEU A O   1 
ATOM   338 C  CB  . LEU A 1 46 ? -8.331  -10.874 3.607   1.00 11.93 ? 46  LEU A CB  1 
ATOM   339 C  CG  . LEU A 1 46 ? -9.456  -11.675 4.275   1.00 12.51 ? 46  LEU A CG  1 
ATOM   340 C  CD1 . LEU A 1 46 ? -10.746 -10.904 4.282   1.00 15.19 ? 46  LEU A CD1 1 
ATOM   341 C  CD2 . LEU A 1 46 ? -9.607  -12.999 3.546   1.00 13.30 ? 46  LEU A CD2 1 
ATOM   342 N  N   . ARG A 1 47 ? -6.273  -8.196  2.844   1.00 8.60  ? 47  ARG A N   1 
ATOM   343 C  CA  . ARG A 1 47 ? -4.864  -7.803  2.823   1.00 8.07  ? 47  ARG A CA  1 
ATOM   344 C  C   . ARG A 1 47 ? -4.537  -6.324  3.031   1.00 7.86  ? 47  ARG A C   1 
ATOM   345 O  O   . ARG A 1 47 ? -3.425  -5.999  3.449   1.00 6.89  ? 47  ARG A O   1 
ATOM   346 C  CB  . ARG A 1 47 ? -4.238  -8.253  1.500   1.00 7.48  ? 47  ARG A CB  1 
ATOM   347 C  CG  . ARG A 1 47 ? -4.357  -9.745  1.204   1.00 8.84  ? 47  ARG A CG  1 
ATOM   348 C  CD  . ARG A 1 47 ? -4.192  -9.976  -0.294  1.00 9.15  ? 47  ARG A CD  1 
ATOM   349 N  NE  . ARG A 1 47 ? -2.963  -9.361  -0.785  1.00 7.71  ? 47  ARG A NE  1 
ATOM   350 C  CZ  . ARG A 1 47 ? -2.707  -9.105  -2.065  1.00 11.40 ? 47  ARG A CZ  1 
ATOM   351 N  NH1 . ARG A 1 47 ? -3.603  -9.411  -2.994  1.00 11.56 ? 47  ARG A NH1 1 
ATOM   352 N  NH2 . ARG A 1 47 ? -1.556  -8.538  -2.411  1.00 9.18  ? 47  ARG A NH2 1 
ATOM   353 N  N   . VAL A 1 48 ? -5.479  -5.434  2.731   1.00 6.78  ? 48  VAL A N   1 
ATOM   354 C  CA  . VAL A 1 48 ? -5.245  -3.997  2.878   1.00 5.56  ? 48  VAL A CA  1 
ATOM   355 C  C   . VAL A 1 48 ? -4.703  -3.609  4.257   1.00 6.12  ? 48  VAL A C   1 
ATOM   356 O  O   . VAL A 1 48 ? -5.111  -4.158  5.283   1.00 6.09  ? 48  VAL A O   1 
ATOM   357 C  CB  . VAL A 1 48 ? -6.539  -3.166  2.606   1.00 6.58  ? 48  VAL A CB  1 
ATOM   358 C  CG1 . VAL A 1 48 ? -6.810  -3.093  1.103   1.00 1.00  ? 48  VAL A CG1 1 
ATOM   359 C  CG2 . VAL A 1 48 ? -7.733  -3.784  3.333   1.00 3.84  ? 48  VAL A CG2 1 
ATOM   360 N  N   . PRO A 1 49 ? -3.776  -2.644  4.298   1.00 4.11  ? 49  PRO A N   1 
ATOM   361 C  CA  . PRO A 1 49 ? -3.210  -1.904  3.166   1.00 5.09  ? 49  PRO A CA  1 
ATOM   362 C  C   . PRO A 1 49 ? -2.190  -2.693  2.346   1.00 6.98  ? 49  PRO A C   1 
ATOM   363 O  O   . PRO A 1 49 ? -1.377  -3.444  2.892   1.00 6.67  ? 49  PRO A O   1 
ATOM   364 C  CB  . PRO A 1 49 ? -2.583  -0.691  3.839   1.00 4.45  ? 49  PRO A CB  1 
ATOM   365 C  CG  . PRO A 1 49 ? -2.084  -1.285  5.129   1.00 4.76  ? 49  PRO A CG  1 
ATOM   366 C  CD  . PRO A 1 49 ? -3.274  -2.101  5.572   1.00 5.04  ? 49  PRO A CD  1 
ATOM   367 N  N   . VAL A 1 50 ? -2.237  -2.501  1.031   1.00 6.62  ? 50  VAL A N   1 
ATOM   368 C  CA  . VAL A 1 50 ? -1.324  -3.167  0.109   1.00 6.09  ? 50  VAL A CA  1 
ATOM   369 C  C   . VAL A 1 50 ? -0.739  -2.137  -0.854  1.00 4.94  ? 50  VAL A C   1 
ATOM   370 O  O   . VAL A 1 50 ? -1.469  -1.328  -1.420  1.00 4.06  ? 50  VAL A O   1 
ATOM   371 C  CB  . VAL A 1 50 ? -2.049  -4.247  -0.724  1.00 7.45  ? 50  VAL A CB  1 
ATOM   372 C  CG1 . VAL A 1 50 ? -1.115  -4.799  -1.791  1.00 6.67  ? 50  VAL A CG1 1 
ATOM   373 C  CG2 . VAL A 1 50 ? -2.533  -5.369  0.180   1.00 6.26  ? 50  VAL A CG2 1 
ATOM   374 N  N   . LEU A 1 51 ? 0.577   -2.161  -1.022  1.00 6.36  ? 51  LEU A N   1 
ATOM   375 C  CA  . LEU A 1 51 ? 1.254   -1.238  -1.928  1.00 7.11  ? 51  LEU A CA  1 
ATOM   376 C  C   . LEU A 1 51 ? 1.607   -1.950  -3.230  1.00 7.38  ? 51  LEU A C   1 
ATOM   377 O  O   . LEU A 1 51 ? 2.076   -3.087  -3.212  1.00 7.11  ? 51  LEU A O   1 
ATOM   378 C  CB  . LEU A 1 51 ? 2.537   -0.705  -1.290  1.00 6.16  ? 51  LEU A CB  1 
ATOM   379 C  CG  . LEU A 1 51 ? 2.439   0.611   -0.522  1.00 11.54 ? 51  LEU A CG  1 
ATOM   380 C  CD1 . LEU A 1 51 ? 3.714   0.817   0.278   1.00 12.64 ? 51  LEU A CD1 1 
ATOM   381 C  CD2 . LEU A 1 51 ? 2.213   1.774   -1.497  1.00 8.06  ? 51  LEU A CD2 1 
ATOM   382 N  N   . ARG A 1 52 ? 1.385   -1.286  -4.358  1.00 6.67  ? 52  ARG A N   1 
ATOM   383 C  CA  . ARG A 1 52 ? 1.698   -1.885  -5.649  1.00 7.12  ? 52  ARG A CA  1 
ATOM   384 C  C   . ARG A 1 52 ? 2.500   -0.874  -6.468  1.00 6.75  ? 52  ARG A C   1 
ATOM   385 O  O   . ARG A 1 52 ? 2.135   0.299   -6.531  1.00 4.95  ? 52  ARG A O   1 
ATOM   386 C  CB  . ARG A 1 52 ? 0.395   -2.248  -6.373  1.00 7.64  ? 52  ARG A CB  1 
ATOM   387 C  CG  . ARG A 1 52 ? 0.561   -2.966  -7.707  1.00 8.79  ? 52  ARG A CG  1 
ATOM   388 C  CD  . ARG A 1 52 ? -0.777  -3.059  -8.429  1.00 10.48 ? 52  ARG A CD  1 
ATOM   389 N  NE  . ARG A 1 52 ? -0.666  -3.654  -9.759  1.00 13.94 ? 52  ARG A NE  1 
ATOM   390 C  CZ  . ARG A 1 52 ? -0.696  -4.960  -10.003 1.00 16.13 ? 52  ARG A CZ  1 
ATOM   391 N  NH1 . ARG A 1 52 ? -0.589  -5.406  -11.246 1.00 20.30 ? 52  ARG A NH1 1 
ATOM   392 N  NH2 . ARG A 1 52 ? -0.845  -5.823  -9.007  1.00 14.62 ? 52  ARG A NH2 1 
ATOM   393 N  N   . ASP A 1 53 ? 3.601   -1.309  -7.078  1.00 7.92  ? 53  ASP A N   1 
ATOM   394 C  CA  . ASP A 1 53 ? 4.388   -0.381  -7.878  1.00 7.57  ? 53  ASP A CA  1 
ATOM   395 C  C   . ASP A 1 53 ? 4.094   -0.536  -9.365  1.00 8.79  ? 53  ASP A C   1 
ATOM   396 O  O   . ASP A 1 53 ? 3.363   -1.438  -9.771  1.00 8.37  ? 53  ASP A O   1 
ATOM   397 C  CB  . ASP A 1 53 ? 5.895   -0.535  -7.588  1.00 7.79  ? 53  ASP A CB  1 
ATOM   398 C  CG  . ASP A 1 53 ? 6.479   -1.843  -8.094  1.00 6.96  ? 53  ASP A CG  1 
ATOM   399 O  OD1 . ASP A 1 53 ? 5.800   -2.573  -8.841  1.00 6.98  ? 53  ASP A OD1 1 
ATOM   400 O  OD2 . ASP A 1 53 ? 7.643   -2.129  -7.739  1.00 6.15  ? 53  ASP A OD2 1 
ATOM   401 N  N   . PRO A 1 54 ? 4.647   0.354   -10.200 1.00 12.42 ? 54  PRO A N   1 
ATOM   402 C  CA  . PRO A 1 54 ? 4.416   0.286   -11.648 1.00 14.54 ? 54  PRO A CA  1 
ATOM   403 C  C   . PRO A 1 54 ? 4.671   -1.093  -12.256 1.00 16.95 ? 54  PRO A C   1 
ATOM   404 O  O   . PRO A 1 54 ? 3.933   -1.535  -13.136 1.00 18.20 ? 54  PRO A O   1 
ATOM   405 C  CB  . PRO A 1 54 ? 5.364   1.355   -12.192 1.00 14.18 ? 54  PRO A CB  1 
ATOM   406 C  CG  . PRO A 1 54 ? 5.350   2.388   -11.098 1.00 12.83 ? 54  PRO A CG  1 
ATOM   407 C  CD  . PRO A 1 54 ? 5.471   1.529   -9.853  1.00 10.81 ? 54  PRO A CD  1 
HETATM 408 N  N   . MSE A 1 55 ? 5.708   -1.767  -11.769 1.00 20.39 ? 55  MSE A N   1 
HETATM 409 C  CA  . MSE A 1 55 ? 6.079   -3.094  -12.254 1.00 22.45 ? 55  MSE A CA  1 
HETATM 410 C  C   . MSE A 1 55 ? 5.047   -4.156  -11.909 1.00 20.17 ? 55  MSE A C   1 
HETATM 411 O  O   . MSE A 1 55 ? 5.065   -5.252  -12.466 1.00 18.09 ? 55  MSE A O   1 
HETATM 412 C  CB  . MSE A 1 55 ? 7.430   -3.505  -11.669 1.00 30.75 ? 55  MSE A CB  1 
HETATM 413 C  CG  . MSE A 1 55 ? 8.495   -3.780  -12.710 1.00 42.40 ? 55  MSE A CG  1 
HETATM 414 SE SE  . MSE A 1 55 ? 8.699   -2.300  -13.939 1.00 58.16 ? 55  MSE A SE  1 
HETATM 415 C  CE  . MSE A 1 55 ? 7.882   -3.088  -15.517 1.00 52.18 ? 55  MSE A CE  1 
ATOM   416 N  N   . GLY A 1 56 ? 4.155   -3.836  -10.982 1.00 17.66 ? 56  GLY A N   1 
ATOM   417 C  CA  . GLY A 1 56 ? 3.142   -4.794  -10.594 1.00 14.69 ? 56  GLY A CA  1 
ATOM   418 C  C   . GLY A 1 56 ? 3.500   -5.541  -9.325  1.00 12.96 ? 56  GLY A C   1 
ATOM   419 O  O   . GLY A 1 56 ? 2.745   -6.409  -8.891  1.00 13.75 ? 56  GLY A O   1 
ATOM   420 N  N   . ARG A 1 57 ? 4.650   -5.226  -8.732  1.00 11.28 ? 57  ARG A N   1 
ATOM   421 C  CA  . ARG A 1 57 ? 5.059   -5.877  -7.491  1.00 10.69 ? 57  ARG A CA  1 
ATOM   422 C  C   . ARG A 1 57 ? 4.157   -5.372  -6.385  1.00 8.87  ? 57  ARG A C   1 
ATOM   423 O  O   . ARG A 1 57 ? 3.685   -4.240  -6.438  1.00 10.46 ? 57  ARG A O   1 
ATOM   424 C  CB  . ARG A 1 57 ? 6.504   -5.532  -7.129  1.00 8.79  ? 57  ARG A CB  1 
ATOM   425 C  CG  . ARG A 1 57 ? 7.578   -6.129  -8.018  1.00 11.30 ? 57  ARG A CG  1 
ATOM   426 C  CD  . ARG A 1 57 ? 8.943   -5.899  -7.370  1.00 9.76  ? 57  ARG A CD  1 
ATOM   427 N  NE  . ARG A 1 57 ? 9.109   -4.494  -7.020  1.00 10.74 ? 57  ARG A NE  1 
ATOM   428 C  CZ  . ARG A 1 57 ? 9.774   -4.048  -5.961  1.00 9.80  ? 57  ARG A CZ  1 
ATOM   429 N  NH1 . ARG A 1 57 ? 10.354  -4.896  -5.123  1.00 10.79 ? 57  ARG A NH1 1 
ATOM   430 N  NH2 . ARG A 1 57 ? 9.846   -2.744  -5.738  1.00 10.33 ? 57  ARG A NH2 1 
ATOM   431 N  N   . GLU A 1 58 ? 3.918   -6.203  -5.382  1.00 7.04  ? 58  GLU A N   1 
ATOM   432 C  CA  . GLU A 1 58 ? 3.065   -5.803  -4.276  1.00 6.79  ? 58  GLU A CA  1 
ATOM   433 C  C   . GLU A 1 58 ? 3.660   -6.129  -2.908  1.00 8.64  ? 58  GLU A C   1 
ATOM   434 O  O   . GLU A 1 58 ? 4.344   -7.138  -2.727  1.00 5.36  ? 58  GLU A O   1 
ATOM   435 C  CB  . GLU A 1 58 ? 1.669   -6.428  -4.434  1.00 9.25  ? 58  GLU A CB  1 
ATOM   436 C  CG  . GLU A 1 58 ? 0.832   -5.772  -5.542  1.00 8.33  ? 58  GLU A CG  1 
ATOM   437 C  CD  . GLU A 1 58 ? -0.591  -6.303  -5.626  1.00 12.14 ? 58  GLU A CD  1 
ATOM   438 O  OE1 . GLU A 1 58 ? -1.412  -5.685  -6.340  1.00 10.96 ? 58  GLU A OE1 1 
ATOM   439 O  OE2 . GLU A 1 58 ? -0.893  -7.337  -4.988  1.00 14.03 ? 58  GLU A OE2 1 
ATOM   440 N  N   . LEU A 1 59 ? 3.409   -5.233  -1.957  1.00 8.24  ? 59  LEU A N   1 
ATOM   441 C  CA  . LEU A 1 59 ? 3.891   -5.370  -0.589  1.00 7.66  ? 59  LEU A CA  1 
ATOM   442 C  C   . LEU A 1 59 ? 2.657   -5.328  0.303   1.00 7.84  ? 59  LEU A C   1 
ATOM   443 O  O   . LEU A 1 59 ? 1.938   -4.324  0.320   1.00 7.27  ? 59  LEU A O   1 
ATOM   444 C  CB  . LEU A 1 59 ? 4.807   -4.198  -0.238  1.00 7.26  ? 59  LEU A CB  1 
ATOM   445 C  CG  . LEU A 1 59 ? 5.535   -4.272  1.107   1.00 8.09  ? 59  LEU A CG  1 
ATOM   446 C  CD1 . LEU A 1 59 ? 6.549   -5.409  1.077   1.00 5.64  ? 59  LEU A CD1 1 
ATOM   447 C  CD2 . LEU A 1 59 ? 6.231   -2.939  1.378   1.00 7.81  ? 59  LEU A CD2 1 
ATOM   448 N  N   . ASP A 1 60 ? 2.408   -6.412  1.030   1.00 8.17  ? 60  ASP A N   1 
ATOM   449 C  CA  . ASP A 1 60 ? 1.244   -6.491  1.908   1.00 8.25  ? 60  ASP A CA  1 
ATOM   450 C  C   . ASP A 1 60 ? 1.568   -6.101  3.342   1.00 7.93  ? 60  ASP A C   1 
ATOM   451 O  O   . ASP A 1 60 ? 2.668   -6.345  3.821   1.00 7.21  ? 60  ASP A O   1 
ATOM   452 C  CB  . ASP A 1 60 ? 0.672   -7.909  1.922   1.00 10.47 ? 60  ASP A CB  1 
ATOM   453 C  CG  . ASP A 1 60 ? 0.086   -8.328  0.587   1.00 10.53 ? 60  ASP A CG  1 
ATOM   454 O  OD1 . ASP A 1 60 ? -0.442  -9.456  0.510   1.00 11.93 ? 60  ASP A OD1 1 
ATOM   455 O  OD2 . ASP A 1 60 ? 0.151   -7.542  -0.378  1.00 8.81  ? 60  ASP A OD2 1 
ATOM   456 N  N   . TRP A 1 61 ? 0.598   -5.492  4.020   1.00 7.62  ? 61  TRP A N   1 
ATOM   457 C  CA  . TRP A 1 61 ? 0.768   -5.112  5.411   1.00 6.93  ? 61  TRP A CA  1 
ATOM   458 C  C   . TRP A 1 61 ? 1.037   -6.411  6.178   1.00 7.51  ? 61  TRP A C   1 
ATOM   459 O  O   . TRP A 1 61 ? 0.538   -7.472  5.799   1.00 7.42  ? 61  TRP A O   1 
ATOM   460 C  CB  . TRP A 1 61 ? -0.513  -4.457  5.925   1.00 7.25  ? 61  TRP A CB  1 
ATOM   461 C  CG  . TRP A 1 61 ? -0.380  -3.967  7.327   1.00 9.36  ? 61  TRP A CG  1 
ATOM   462 C  CD1 . TRP A 1 61 ? -0.829  -4.577  8.460   1.00 7.71  ? 61  TRP A CD1 1 
ATOM   463 C  CD2 . TRP A 1 61 ? 0.280   -2.770  7.747   1.00 8.84  ? 61  TRP A CD2 1 
ATOM   464 N  NE1 . TRP A 1 61 ? -0.488  -3.829  9.566   1.00 10.55 ? 61  TRP A NE1 1 
ATOM   465 C  CE2 . TRP A 1 61 ? 0.194   -2.712  9.153   1.00 9.08  ? 61  TRP A CE2 1 
ATOM   466 C  CE3 . TRP A 1 61 ? 0.940   -1.737  7.067   1.00 8.56  ? 61  TRP A CE3 1 
ATOM   467 C  CZ2 . TRP A 1 61 ? 0.744   -1.657  9.894   1.00 7.95  ? 61  TRP A CZ2 1 
ATOM   468 C  CZ3 . TRP A 1 61 ? 1.489   -0.688  7.806   1.00 8.93  ? 61  TRP A CZ3 1 
ATOM   469 C  CH2 . TRP A 1 61 ? 1.387   -0.658  9.201   1.00 7.43  ? 61  TRP A CH2 1 
ATOM   470 N  N   . PRO A 1 62 ? 1.822   -6.352  7.265   1.00 7.44  ? 62  PRO A N   1 
ATOM   471 C  CA  . PRO A 1 62 ? 2.479   -5.179  7.838   1.00 6.68  ? 62  PRO A CA  1 
ATOM   472 C  C   . PRO A 1 62 ? 3.834   -4.834  7.227   1.00 6.00  ? 62  PRO A C   1 
ATOM   473 O  O   . PRO A 1 62 ? 4.562   -5.702  6.743   1.00 5.30  ? 62  PRO A O   1 
ATOM   474 C  CB  . PRO A 1 62 ? 2.630   -5.570  9.298   1.00 7.96  ? 62  PRO A CB  1 
ATOM   475 C  CG  . PRO A 1 62 ? 3.019   -7.011  9.175   1.00 5.54  ? 62  PRO A CG  1 
ATOM   476 C  CD  . PRO A 1 62 ? 2.023   -7.529  8.138   1.00 8.49  ? 62  PRO A CD  1 
ATOM   477 N  N   . PHE A 1 63 ? 4.154   -3.549  7.262   1.00 5.71  ? 63  PHE A N   1 
ATOM   478 C  CA  . PHE A 1 63 ? 5.437   -3.055  6.796   1.00 6.20  ? 63  PHE A CA  1 
ATOM   479 C  C   . PHE A 1 63 ? 5.782   -1.739  7.476   1.00 6.76  ? 63  PHE A C   1 
ATOM   480 O  O   . PHE A 1 63 ? 4.961   -0.824  7.533   1.00 6.92  ? 63  PHE A O   1 
ATOM   481 C  CB  . PHE A 1 63 ? 5.478   -2.886  5.266   1.00 3.51  ? 63  PHE A CB  1 
ATOM   482 C  CG  . PHE A 1 63 ? 4.309   -2.126  4.674   1.00 5.02  ? 63  PHE A CG  1 
ATOM   483 C  CD1 . PHE A 1 63 ? 3.289   -2.810  4.012   1.00 2.58  ? 63  PHE A CD1 1 
ATOM   484 C  CD2 . PHE A 1 63 ? 4.274   -0.729  4.704   1.00 3.56  ? 63  PHE A CD2 1 
ATOM   485 C  CE1 . PHE A 1 63 ? 2.252   -2.117  3.376   1.00 5.68  ? 63  PHE A CE1 1 
ATOM   486 C  CE2 . PHE A 1 63 ? 3.243   -0.020  4.073   1.00 4.74  ? 63  PHE A CE2 1 
ATOM   487 C  CZ  . PHE A 1 63 ? 2.229   -0.718  3.405   1.00 2.38  ? 63  PHE A CZ  1 
ATOM   488 N  N   . ASP A 1 64 ? 6.990   -1.660  8.023   1.00 6.31  ? 64  ASP A N   1 
ATOM   489 C  CA  . ASP A 1 64 ? 7.448   -0.436  8.666   1.00 7.64  ? 64  ASP A CA  1 
ATOM   490 C  C   . ASP A 1 64 ? 8.323   0.324   7.671   1.00 8.96  ? 64  ASP A C   1 
ATOM   491 O  O   . ASP A 1 64 ? 8.556   -0.155  6.555   1.00 8.37  ? 64  ASP A O   1 
ATOM   492 C  CB  . ASP A 1 64 ? 8.238   -0.749  9.939   1.00 10.19 ? 64  ASP A CB  1 
ATOM   493 C  CG  . ASP A 1 64 ? 9.355   -1.746  9.707   1.00 11.51 ? 64  ASP A CG  1 
ATOM   494 O  OD1 . ASP A 1 64 ? 9.855   -1.824  8.564   1.00 11.08 ? 64  ASP A OD1 1 
ATOM   495 O  OD2 . ASP A 1 64 ? 9.738   -2.443  10.673  1.00 13.30 ? 64  ASP A OD2 1 
ATOM   496 N  N   . ALA A 1 65 ? 8.809   1.496   8.072   1.00 7.33  ? 65  ALA A N   1 
ATOM   497 C  CA  . ALA A 1 65 ? 9.641   2.320   7.199   1.00 8.21  ? 65  ALA A CA  1 
ATOM   498 C  C   . ALA A 1 65 ? 10.814  1.574   6.566   1.00 8.40  ? 65  ALA A C   1 
ATOM   499 O  O   . ALA A 1 65 ? 11.031  1.666   5.358   1.00 9.60  ? 65  ALA A O   1 
ATOM   500 C  CB  . ALA A 1 65 ? 10.149  3.536   7.959   1.00 8.86  ? 65  ALA A CB  1 
ATOM   501 N  N   . PRO A 1 66 ? 11.596  0.832   7.369   1.00 8.55  ? 66  PRO A N   1 
ATOM   502 C  CA  . PRO A 1 66 ? 12.718  0.122   6.748   1.00 8.17  ? 66  PRO A CA  1 
ATOM   503 C  C   . PRO A 1 66 ? 12.334  -0.966  5.736   1.00 9.28  ? 66  PRO A C   1 
ATOM   504 O  O   . PRO A 1 66 ? 13.024  -1.160  4.735   1.00 8.72  ? 66  PRO A O   1 
ATOM   505 C  CB  . PRO A 1 66 ? 13.494  -0.429  7.950   1.00 8.99  ? 66  PRO A CB  1 
ATOM   506 C  CG  . PRO A 1 66 ? 12.471  -0.517  9.031   1.00 11.65 ? 66  PRO A CG  1 
ATOM   507 C  CD  . PRO A 1 66 ? 11.663  0.739   8.837   1.00 7.70  ? 66  PRO A CD  1 
ATOM   508 N  N   . ARG A 1 67 ? 11.239  -1.677  5.990   1.00 8.51  ? 67  ARG A N   1 
ATOM   509 C  CA  . ARG A 1 67 ? 10.814  -2.727  5.075   1.00 9.40  ? 67  ARG A CA  1 
ATOM   510 C  C   . ARG A 1 67 ? 10.318  -2.096  3.784   1.00 7.55  ? 67  ARG A C   1 
ATOM   511 O  O   . ARG A 1 67 ? 10.588  -2.582  2.686   1.00 5.44  ? 67  ARG A O   1 
ATOM   512 C  CB  . ARG A 1 67 ? 9.694   -3.569  5.692   1.00 12.20 ? 67  ARG A CB  1 
ATOM   513 C  CG  . ARG A 1 67 ? 9.357   -4.789  4.848   1.00 15.50 ? 67  ARG A CG  1 
ATOM   514 C  CD  . ARG A 1 67 ? 8.116   -5.529  5.334   1.00 16.60 ? 67  ARG A CD  1 
ATOM   515 N  NE  . ARG A 1 67 ? 7.915   -6.729  4.528   1.00 17.97 ? 67  ARG A NE  1 
ATOM   516 C  CZ  . ARG A 1 67 ? 6.732   -7.197  4.142   1.00 18.91 ? 67  ARG A CZ  1 
ATOM   517 N  NH1 . ARG A 1 67 ? 5.612   -6.574  4.487   1.00 17.19 ? 67  ARG A NH1 1 
ATOM   518 N  NH2 . ARG A 1 67 ? 6.672   -8.290  3.389   1.00 19.07 ? 67  ARG A NH2 1 
ATOM   519 N  N   . LEU A 1 68 ? 9.586   -1.000  3.927   1.00 6.80  ? 68  LEU A N   1 
ATOM   520 C  CA  . LEU A 1 68 ? 9.055   -0.299  2.776   1.00 7.76  ? 68  LEU A CA  1 
ATOM   521 C  C   . LEU A 1 68 ? 10.187  0.269   1.924   1.00 7.19  ? 68  LEU A C   1 
ATOM   522 O  O   . LEU A 1 68 ? 10.248  0.033   0.719   1.00 7.74  ? 68  LEU A O   1 
ATOM   523 C  CB  . LEU A 1 68 ? 8.113   0.816   3.243   1.00 6.19  ? 68  LEU A CB  1 
ATOM   524 C  CG  . LEU A 1 68 ? 7.593   1.778   2.175   1.00 8.31  ? 68  LEU A CG  1 
ATOM   525 C  CD1 . LEU A 1 68 ? 7.097   0.993   0.982   1.00 8.87  ? 68  LEU A CD1 1 
ATOM   526 C  CD2 . LEU A 1 68 ? 6.473   2.643   2.764   1.00 7.86  ? 68  LEU A CD2 1 
ATOM   527 N  N   . ARG A 1 69 ? 11.082  1.020   2.557   1.00 8.25  ? 69  ARG A N   1 
ATOM   528 C  CA  . ARG A 1 69 ? 12.209  1.614   1.852   1.00 8.85  ? 69  ARG A CA  1 
ATOM   529 C  C   . ARG A 1 69 ? 13.051  0.537   1.168   1.00 8.80  ? 69  ARG A C   1 
ATOM   530 O  O   . ARG A 1 69 ? 13.524  0.734   0.048   1.00 10.88 ? 69  ARG A O   1 
ATOM   531 C  CB  . ARG A 1 69 ? 13.055  2.449   2.827   1.00 10.18 ? 69  ARG A CB  1 
ATOM   532 C  CG  . ARG A 1 69 ? 14.413  2.917   2.296   1.00 13.03 ? 69  ARG A CG  1 
ATOM   533 C  CD  . ARG A 1 69 ? 14.350  3.443   0.864   1.00 14.93 ? 69  ARG A CD  1 
ATOM   534 N  NE  . ARG A 1 69 ? 13.426  4.556   0.707   1.00 18.66 ? 69  ARG A NE  1 
ATOM   535 C  CZ  . ARG A 1 69 ? 13.035  5.039   -0.469  1.00 19.49 ? 69  ARG A CZ  1 
ATOM   536 N  NH1 . ARG A 1 69 ? 13.491  4.507   -1.600  1.00 19.19 ? 69  ARG A NH1 1 
ATOM   537 N  NH2 . ARG A 1 69 ? 12.178  6.051   -0.515  1.00 19.91 ? 69  ARG A NH2 1 
ATOM   538 N  N   . ALA A 1 70 ? 13.221  -0.605  1.825   1.00 6.27  ? 70  ALA A N   1 
ATOM   539 C  CA  . ALA A 1 70 ? 13.997  -1.698  1.242   1.00 7.43  ? 70  ALA A CA  1 
ATOM   540 C  C   . ALA A 1 70 ? 13.254  -2.304  0.046   1.00 7.12  ? 70  ALA A C   1 
ATOM   541 O  O   . ALA A 1 70 ? 13.857  -2.628  -0.975  1.00 6.75  ? 70  ALA A O   1 
ATOM   542 C  CB  . ALA A 1 70 ? 14.272  -2.780  2.296   1.00 5.41  ? 70  ALA A CB  1 
ATOM   543 N  N   . TRP A 1 71 ? 11.943  -2.461  0.178   1.00 6.67  ? 71  TRP A N   1 
ATOM   544 C  CA  . TRP A 1 71 ? 11.147  -3.026  -0.901  1.00 7.57  ? 71  TRP A CA  1 
ATOM   545 C  C   . TRP A 1 71 ? 11.294  -2.147  -2.135  1.00 8.62  ? 71  TRP A C   1 
ATOM   546 O  O   . TRP A 1 71 ? 11.518  -2.640  -3.238  1.00 9.89  ? 71  TRP A O   1 
ATOM   547 C  CB  . TRP A 1 71 ? 9.683   -3.109  -0.479  1.00 6.11  ? 71  TRP A CB  1 
ATOM   548 C  CG  . TRP A 1 71 ? 8.762   -3.582  -1.561  1.00 4.59  ? 71  TRP A CG  1 
ATOM   549 C  CD1 . TRP A 1 71 ? 8.672   -4.843  -2.074  1.00 4.64  ? 71  TRP A CD1 1 
ATOM   550 C  CD2 . TRP A 1 71 ? 7.783   -2.797  -2.246  1.00 4.50  ? 71  TRP A CD2 1 
ATOM   551 N  NE1 . TRP A 1 71 ? 7.691   -4.893  -3.037  1.00 5.61  ? 71  TRP A NE1 1 
ATOM   552 C  CE2 . TRP A 1 71 ? 7.129   -3.646  -3.162  1.00 5.50  ? 71  TRP A CE2 1 
ATOM   553 C  CE3 . TRP A 1 71 ? 7.391   -1.454  -2.171  1.00 5.68  ? 71  TRP A CE3 1 
ATOM   554 C  CZ2 . TRP A 1 71 ? 6.101   -3.194  -4.000  1.00 4.74  ? 71  TRP A CZ2 1 
ATOM   555 C  CZ3 . TRP A 1 71 ? 6.365   -1.003  -3.002  1.00 4.65  ? 71  TRP A CZ3 1 
ATOM   556 C  CH2 . TRP A 1 71 ? 5.734   -1.873  -3.904  1.00 5.65  ? 71  TRP A CH2 1 
ATOM   557 N  N   . LEU A 1 72 ? 11.176  -0.841  -1.939  1.00 8.85  ? 72  LEU A N   1 
ATOM   558 C  CA  . LEU A 1 72 ? 11.314  0.109   -3.036  1.00 11.29 ? 72  LEU A CA  1 
ATOM   559 C  C   . LEU A 1 72 ? 12.693  0.007   -3.697  1.00 11.38 ? 72  LEU A C   1 
ATOM   560 O  O   . LEU A 1 72 ? 12.804  -0.048  -4.923  1.00 11.36 ? 72  LEU A O   1 
ATOM   561 C  CB  . LEU A 1 72 ? 11.117  1.533   -2.522  1.00 8.63  ? 72  LEU A CB  1 
ATOM   562 C  CG  . LEU A 1 72 ? 9.724   1.887   -2.015  1.00 8.72  ? 72  LEU A CG  1 
ATOM   563 C  CD1 . LEU A 1 72 ? 9.761   3.249   -1.348  1.00 8.68  ? 72  LEU A CD1 1 
ATOM   564 C  CD2 . LEU A 1 72 ? 8.743   1.880   -3.176  1.00 9.84  ? 72  LEU A CD2 1 
ATOM   565 N  N   . ASP A 1 73 ? 13.740  -0.021  -2.880  1.00 11.38 ? 73  ASP A N   1 
ATOM   566 C  CA  . ASP A 1 73 ? 15.100  -0.091  -3.401  1.00 12.43 ? 73  ASP A CA  1 
ATOM   567 C  C   . ASP A 1 73 ? 15.452  -1.435  -4.005  1.00 12.22 ? 73  ASP A C   1 
ATOM   568 O  O   . ASP A 1 73 ? 16.475  -1.566  -4.671  1.00 15.20 ? 73  ASP A O   1 
ATOM   569 C  CB  . ASP A 1 73 ? 16.112  0.230   -2.304  1.00 11.30 ? 73  ASP A CB  1 
ATOM   570 C  CG  . ASP A 1 73 ? 15.974  1.635   -1.780  1.00 12.79 ? 73  ASP A CG  1 
ATOM   571 O  OD1 . ASP A 1 73 ? 15.408  2.487   -2.496  1.00 12.97 ? 73  ASP A OD1 1 
ATOM   572 O  OD2 . ASP A 1 73 ? 16.447  1.890   -0.656  1.00 14.40 ? 73  ASP A OD2 1 
ATOM   573 N  N   . ALA A 1 74 ? 14.614  -2.435  -3.766  1.00 14.79 ? 74  ALA A N   1 
ATOM   574 C  CA  . ALA A 1 74 ? 14.858  -3.773  -4.289  1.00 16.87 ? 74  ALA A CA  1 
ATOM   575 C  C   . ALA A 1 74 ? 14.307  -3.929  -5.706  1.00 19.16 ? 74  ALA A C   1 
ATOM   576 O  O   . ALA A 1 74 ? 14.487  -4.972  -6.333  1.00 18.16 ? 74  ALA A O   1 
ATOM   577 C  CB  . ALA A 1 74 ? 14.235  -4.814  -3.362  1.00 16.45 ? 74  ALA A CB  1 
ATOM   578 N  N   . ALA A 1 75 ? 13.638  -2.892  -6.203  1.00 22.32 ? 75  ALA A N   1 
ATOM   579 C  CA  . ALA A 1 75 ? 13.066  -2.923  -7.548  1.00 27.67 ? 75  ALA A CA  1 
ATOM   580 C  C   . ALA A 1 75 ? 14.152  -2.723  -8.605  1.00 31.04 ? 75  ALA A C   1 
ATOM   581 O  O   . ALA A 1 75 ? 15.147  -2.035  -8.360  1.00 32.06 ? 75  ALA A O   1 
ATOM   582 C  CB  . ALA A 1 75 ? 11.997  -1.839  -7.687  1.00 25.67 ? 75  ALA A CB  1 
ATOM   583 N  N   . PRO A 1 76 ? 13.968  -3.306  -9.803  1.00 34.54 ? 76  PRO A N   1 
ATOM   584 C  CA  . PRO A 1 76 ? 12.817  -4.127  -10.195 1.00 36.44 ? 76  PRO A CA  1 
ATOM   585 C  C   . PRO A 1 76 ? 13.038  -5.611  -9.910  1.00 37.97 ? 76  PRO A C   1 
ATOM   586 O  O   . PRO A 1 76 ? 14.199  -5.988  -9.638  1.00 40.21 ? 76  PRO A O   1 
ATOM   587 C  CB  . PRO A 1 76 ? 12.706  -3.844  -11.685 1.00 36.63 ? 76  PRO A CB  1 
ATOM   588 C  CG  . PRO A 1 76 ? 14.149  -3.791  -12.087 1.00 35.10 ? 76  PRO A CG  1 
ATOM   589 C  CD  . PRO A 1 76 ? 14.772  -2.943  -10.987 1.00 34.41 ? 76  PRO A CD  1 
HETATM 590 O  O   . HOH B 2 .  ? 6.200   4.032   9.490   1.00 5.60  ? 101 HOH A O   1 
HETATM 591 O  O   . HOH B 2 .  ? 4.500   -8.702  1.147   1.00 4.85  ? 102 HOH A O   1 
HETATM 592 O  O   . HOH B 2 .  ? 4.129   10.728  1.921   1.00 7.69  ? 103 HOH A O   1 
HETATM 593 O  O   . HOH B 2 .  ? -3.891  -12.193 7.818   1.00 7.03  ? 104 HOH A O   1 
HETATM 594 O  O   . HOH B 2 .  ? -2.245  8.476   8.089   1.00 5.23  ? 105 HOH A O   1 
HETATM 595 O  O   . HOH B 2 .  ? -10.470 5.170   -4.629  1.00 9.18  ? 106 HOH A O   1 
HETATM 596 O  O   . HOH B 2 .  ? -4.380  8.694   0.415   1.00 6.97  ? 107 HOH A O   1 
HETATM 597 O  O   . HOH B 2 .  ? -5.953  -0.523  -12.007 1.00 9.01  ? 108 HOH A O   1 
HETATM 598 O  O   . HOH B 2 .  ? 15.347  0.126   4.229   1.00 7.17  ? 109 HOH A O   1 
HETATM 599 O  O   . HOH B 2 .  ? 7.999   11.260  0.059   1.00 6.26  ? 110 HOH A O   1 
HETATM 600 O  O   . HOH B 2 .  ? 2.032   9.916   3.649   1.00 11.85 ? 111 HOH A O   1 
HETATM 601 O  O   . HOH B 2 .  ? 3.207   5.014   12.094  1.00 8.39  ? 112 HOH A O   1 
HETATM 602 O  O   . HOH B 2 .  ? -1.914  -7.750  4.728   1.00 7.18  ? 113 HOH A O   1 
HETATM 603 O  O   . HOH B 2 .  ? -0.471  9.089   14.177  1.00 12.73 ? 114 HOH A O   1 
HETATM 604 O  O   . HOH B 2 .  ? 7.383   -4.891  8.733   1.00 8.38  ? 115 HOH A O   1 
HETATM 605 O  O   . HOH B 2 .  ? 6.847   5.042   -8.145  1.00 15.48 ? 116 HOH A O   1 
HETATM 606 O  O   . HOH B 2 .  ? -6.129  -12.566 0.925   1.00 13.09 ? 117 HOH A O   1 
HETATM 607 O  O   . HOH B 2 .  ? 16.387  -0.085  1.859   1.00 10.62 ? 118 HOH A O   1 
HETATM 608 O  O   . HOH B 2 .  ? 12.326  -2.615  12.098  1.00 8.65  ? 119 HOH A O   1 
HETATM 609 O  O   . HOH B 2 .  ? 11.589  -5.251  2.218   1.00 9.85  ? 120 HOH A O   1 
HETATM 610 O  O   . HOH B 2 .  ? -2.026  -10.430 4.483   1.00 10.92 ? 121 HOH A O   1 
HETATM 611 O  O   . HOH B 2 .  ? 3.539   3.322   9.998   1.00 11.23 ? 122 HOH A O   1 
HETATM 612 O  O   . HOH B 2 .  ? -3.332  -0.929  -11.829 1.00 9.43  ? 123 HOH A O   1 
HETATM 613 O  O   . HOH B 2 .  ? 6.085   5.566   12.928  1.00 15.57 ? 124 HOH A O   1 
HETATM 614 O  O   . HOH B 2 .  ? -8.432  -10.512 -0.145  1.00 18.51 ? 125 HOH A O   1 
HETATM 615 O  O   . HOH B 2 .  ? -7.534  -3.653  6.928   1.00 16.14 ? 126 HOH A O   1 
HETATM 616 O  O   . HOH B 2 .  ? -3.068  8.754   10.801  1.00 13.56 ? 127 HOH A O   1 
HETATM 617 O  O   . HOH B 2 .  ? -4.357  -11.634 5.331   1.00 12.83 ? 128 HOH A O   1 
HETATM 618 O  O   . HOH B 2 .  ? -0.708  11.124  10.552  1.00 19.46 ? 129 HOH A O   1 
HETATM 619 O  O   . HOH B 2 .  ? 7.943   10.762  -6.646  1.00 12.85 ? 130 HOH A O   1 
HETATM 620 O  O   . HOH B 2 .  ? -8.695  4.851   7.657   1.00 19.84 ? 131 HOH A O   1 
HETATM 621 O  O   . HOH B 2 .  ? -9.802  -5.098  5.792   1.00 12.36 ? 132 HOH A O   1 
HETATM 622 O  O   . HOH B 2 .  ? 12.881  -5.608  -0.165  1.00 13.11 ? 133 HOH A O   1 
HETATM 623 O  O   . HOH B 2 .  ? -2.629  -13.631 1.432   1.00 37.30 ? 135 HOH A O   1 
HETATM 624 O  O   . HOH B 2 .  ? 11.590  -6.983  -2.016  1.00 13.78 ? 136 HOH A O   1 
HETATM 625 O  O   . HOH B 2 .  ? -5.090  -13.249 3.158   1.00 16.48 ? 137 HOH A O   1 
HETATM 626 O  O   . HOH B 2 .  ? 0.764   11.605  -5.123  1.00 16.30 ? 138 HOH A O   1 
HETATM 627 O  O   . HOH B 2 .  ? 5.532   12.945  2.937   1.00 13.08 ? 139 HOH A O   1 
HETATM 628 O  O   . HOH B 2 .  ? -5.326  5.458   12.710  1.00 19.23 ? 140 HOH A O   1 
HETATM 629 O  O   . HOH B 2 .  ? -14.621 3.535   -2.362  1.00 15.82 ? 141 HOH A O   1 
HETATM 630 O  O   . HOH B 2 .  ? -0.497  10.645  7.626   1.00 13.07 ? 142 HOH A O   1 
HETATM 631 O  O   . HOH B 2 .  ? -7.264  -3.706  -10.579 1.00 20.27 ? 143 HOH A O   1 
HETATM 632 O  O   . HOH B 2 .  ? 7.151   -7.718  -4.135  1.00 15.00 ? 144 HOH A O   1 
HETATM 633 O  O   . HOH B 2 .  ? 5.905   0.030   12.219  1.00 44.74 ? 145 HOH A O   1 
HETATM 634 O  O   . HOH B 2 .  ? -0.636  -11.412 2.414   1.00 14.71 ? 146 HOH A O   1 
HETATM 635 O  O   . HOH B 2 .  ? -16.466 -8.669  -3.282  1.00 33.11 ? 147 HOH A O   1 
HETATM 636 O  O   . HOH B 2 .  ? 5.850   -3.819  11.007  1.00 21.49 ? 148 HOH A O   1 
HETATM 637 O  O   . HOH B 2 .  ? 7.886   12.585  4.983   1.00 18.88 ? 149 HOH A O   1 
HETATM 638 O  O   . HOH B 2 .  ? 9.256   -8.311  -0.494  1.00 39.47 ? 150 HOH A O   1 
HETATM 639 O  O   . HOH B 2 .  ? 6.661   6.939   -5.702  1.00 14.01 ? 151 HOH A O   1 
HETATM 640 O  O   . HOH B 2 .  ? -3.388  -9.182  -5.957  1.00 21.81 ? 152 HOH A O   1 
HETATM 641 O  O   . HOH B 2 .  ? 11.654  6.592   -3.373  1.00 19.50 ? 153 HOH A O   1 
HETATM 642 O  O   . HOH B 2 .  ? 16.507  6.643   0.826   1.00 18.36 ? 154 HOH A O   1 
HETATM 643 O  O   . HOH B 2 .  ? 16.581  5.107   -1.320  1.00 15.38 ? 155 HOH A O   1 
HETATM 644 O  O   . HOH B 2 .  ? 9.514   -7.008  1.776   1.00 16.68 ? 156 HOH A O   1 
HETATM 645 O  O   . HOH B 2 .  ? -16.328 -11.114 -12.004 1.00 9.66  ? 157 HOH A O   1 
HETATM 646 O  O   . HOH B 2 .  ? -8.767  7.651   -3.395  1.00 20.23 ? 158 HOH A O   1 
HETATM 647 O  O   . HOH B 2 .  ? -5.755  6.486   5.489   1.00 30.61 ? 159 HOH A O   1 
HETATM 648 O  O   . HOH B 2 .  ? -15.445 -8.836  -10.570 1.00 20.00 ? 160 HOH A O   1 
HETATM 649 O  O   . HOH B 2 .  ? 10.965  10.134  -2.807  1.00 21.96 ? 161 HOH A O   1 
HETATM 650 O  O   . HOH B 2 .  ? -5.773  16.404  9.459   1.00 24.82 ? 162 HOH A O   1 
HETATM 651 O  O   . HOH B 2 .  ? 1.409   1.210   -9.163  1.00 30.99 ? 163 HOH A O   1 
HETATM 652 O  O   . HOH B 2 .  ? 4.382   14.389  4.736   1.00 20.59 ? 164 HOH A O   1 
HETATM 653 O  O   . HOH B 2 .  ? 0.855   14.001  -6.437  1.00 41.96 ? 165 HOH A O   1 
HETATM 654 O  O   . HOH B 2 .  ? 0.387   -11.011 6.158   1.00 22.44 ? 166 HOH A O   1 
HETATM 655 O  O   . HOH B 2 .  ? -4.170  8.850   6.177   1.00 29.04 ? 167 HOH A O   1 
HETATM 656 O  O   . HOH B 2 .  ? 14.831  8.384   1.996   1.00 21.54 ? 168 HOH A O   1 
HETATM 657 O  O   . HOH B 2 .  ? -14.536 -10.496 -8.695  1.00 13.61 ? 169 HOH A O   1 
HETATM 658 O  O   . HOH B 2 .  ? -0.442  6.181   13.831  1.00 28.49 ? 170 HOH A O   1 
HETATM 659 O  O   . HOH B 2 .  ? -4.142  -4.882  -11.260 1.00 35.49 ? 171 HOH A O   1 
HETATM 660 O  O   . HOH B 2 .  ? 3.372   -10.944 1.897   1.00 39.01 ? 172 HOH A O   1 
HETATM 661 O  O   . HOH B 2 .  ? -1.058  -8.715  -12.845 1.00 43.20 ? 173 HOH A O   1 
HETATM 662 O  O   . HOH B 2 .  ? 5.344   -9.082  -6.005  1.00 18.82 ? 174 HOH A O   1 
HETATM 663 O  O   . HOH B 2 .  ? -1.513  -2.128  -13.434 1.00 27.26 ? 175 HOH A O   1 
HETATM 664 O  O   . HOH B 2 .  ? -15.657 -9.741  -6.295  1.00 19.16 ? 176 HOH A O   1 
HETATM 665 O  O   . HOH B 2 .  ? 4.532   0.609   9.708   1.00 26.93 ? 177 HOH A O   1 
HETATM 666 O  O   . HOH B 2 .  ? -9.186  -5.919  -9.144  1.00 46.59 ? 178 HOH A O   1 
HETATM 667 O  O   . HOH B 2 .  ? -2.598  -0.062  -9.498  1.00 26.84 ? 179 HOH A O   1 
HETATM 668 O  O   . HOH B 2 .  ? -7.452  14.769  7.896   1.00 47.62 ? 180 HOH A O   1 
HETATM 669 O  O   . HOH B 2 .  ? -18.914 -3.456  -7.778  1.00 32.77 ? 181 HOH A O   1 
HETATM 670 O  O   . HOH B 2 .  ? -4.843  1.016   17.164  1.00 43.76 ? 182 HOH A O   1 
HETATM 671 O  O   . HOH B 2 .  ? 2.709   -9.442  -1.836  1.00 29.33 ? 183 HOH A O   1 
HETATM 672 O  O   . HOH B 2 .  ? -2.713  -4.697  -15.147 1.00 27.98 ? 184 HOH A O   1 
HETATM 673 O  O   . HOH B 2 .  ? -16.930 -6.424  -9.428  1.00 32.75 ? 186 HOH A O   1 
HETATM 674 O  O   . HOH B 2 .  ? -16.121 -1.362  -10.629 1.00 50.88 ? 187 HOH A O   1 
HETATM 675 O  O   . HOH B 2 .  ? -4.309  14.475  7.350   1.00 55.72 ? 188 HOH A O   1 
HETATM 676 O  O   . HOH B 2 .  ? 16.621  1.239   -8.935  1.00 43.62 ? 189 HOH A O   1 
HETATM 677 O  O   . HOH B 2 .  ? -3.227  -6.528  -13.193 1.00 43.84 ? 191 HOH A O   1 
HETATM 678 O  O   . HOH B 2 .  ? 8.769   1.432   -7.635  1.00 36.49 ? 192 HOH A O   1 
HETATM 679 O  O   . HOH B 2 .  ? 14.199  11.927  1.493   1.00 59.71 ? 193 HOH A O   1 
HETATM 680 O  O   . HOH B 2 .  ? 6.892   -7.663  7.668   1.00 26.01 ? 194 HOH A O   1 
HETATM 681 O  O   . HOH B 2 .  ? -2.215  -9.436  -10.353 1.00 52.41 ? 195 HOH A O   1 
HETATM 682 O  O   . HOH B 2 .  ? -9.372  7.766   4.476   1.00 36.40 ? 196 HOH A O   1 
HETATM 683 O  O   . HOH B 2 .  ? -10.867 6.197   6.176   1.00 33.91 ? 197 HOH A O   1 
HETATM 684 O  O   . HOH B 2 .  ? 9.499   -8.170  7.603   1.00 42.81 ? 198 HOH A O   1 
HETATM 685 O  O   . HOH B 2 .  ? -9.742  6.031   11.292  1.00 42.00 ? 199 HOH A O   1 
HETATM 686 O  O   . HOH B 2 .  ? 13.434  13.730  -0.398  1.00 40.23 ? 202 HOH A O   1 
HETATM 687 O  O   . HOH B 2 .  ? -12.714 6.333   -2.979  1.00 37.63 ? 203 HOH A O   1 
HETATM 688 O  O   . HOH B 2 .  ? 5.988   9.235   -9.663  1.00 40.15 ? 204 HOH A O   1 
HETATM 689 O  O   . HOH B 2 .  ? -11.726 0.424   -8.805  1.00 43.28 ? 205 HOH A O   1 
HETATM 690 O  O   . HOH B 2 .  ? -1.417  -6.427  -16.477 1.00 53.22 ? 207 HOH A O   1 
HETATM 691 O  O   . HOH B 2 .  ? -11.314 -9.882  -8.097  1.00 36.20 ? 208 HOH A O   1 
HETATM 692 O  O   . HOH B 2 .  ? 0.648   -1.388  -11.116 1.00 12.67 ? 209 HOH A O   1 
HETATM 693 O  O   . HOH B 2 .  ? -6.840  -1.199  -9.399  1.00 20.57 ? 210 HOH A O   1 
HETATM 694 O  O   . HOH B 2 .  ? 3.433   -8.961  4.899   1.00 19.00 ? 211 HOH A O   1 
HETATM 695 O  O   . HOH B 2 .  ? -0.752  0.275   16.367  1.00 31.07 ? 212 HOH A O   1 
HETATM 696 O  O   . HOH B 2 .  ? 6.044   -8.633  -1.071  1.00 19.53 ? 213 HOH A O   1 
HETATM 697 O  O   . HOH B 2 .  ? -11.907 7.611   8.272   1.00 43.72 ? 214 HOH A O   1 
HETATM 698 O  O   . HOH B 2 .  ? 5.060   8.983   0.217   1.00 26.94 ? 215 HOH A O   1 
# 
